data_8R0C
#
_entry.id   8R0C
#
_cell.length_a   71.556
_cell.length_b   93.484
_cell.length_c   78.815
_cell.angle_alpha   90.000
_cell.angle_beta   105.570
_cell.angle_gamma   90.000
#
_symmetry.space_group_name_H-M   'P 1 21 1'
#
loop_
_entity.id
_entity.type
_entity.pdbx_description
1 polymer Borneoldehydrogenase
2 non-polymer GLYCEROL
3 water water
#
_entity_poly.entity_id   1
_entity_poly.type   'polypeptide(L)'
_entity_poly.pdbx_seq_one_letter_code
;MGSSHHHHHHSSGLVPRGSHMKRLEGKVAIITGGASGIGASAVRLFWENGAKVVIADIQDDLGQAICDKLGKNVSYIHCD
VSNEDDIRNLVDTTVAKYGKLDIMFNNAGIIDRPYGSILDTEKSDLERVLGVNLVGGFLGAKHAARVMVPQRKGCILFTA
SACASIAGLGTHAYTASKHAIVGLMKNLAAELGQHGIRVNCVSPYGVVTGIGRGVSEVDVAQVEAMLSEVGNLKGAVLKV
EDVAQAALYLASDEANYVSGLNLVVDGGFSVVNPSMMMAL
;
_entity_poly.pdbx_strand_id   A,B,C,D
#
# COMPACT_ATOMS: atom_id res chain seq x y z
N SER A 19 14.98 -35.52 -14.69
CA SER A 19 15.44 -34.50 -15.62
C SER A 19 15.33 -33.12 -14.98
N HIS A 20 16.28 -32.25 -15.28
CA HIS A 20 16.43 -30.98 -14.59
C HIS A 20 16.58 -29.85 -15.62
N MET A 21 16.53 -28.62 -15.12
CA MET A 21 16.58 -27.43 -15.97
C MET A 21 17.43 -26.34 -15.33
N LYS A 22 18.10 -25.58 -16.19
CA LYS A 22 18.88 -24.42 -15.79
C LYS A 22 18.01 -23.18 -16.05
N ARG A 23 17.50 -22.57 -14.98
CA ARG A 23 16.59 -21.43 -15.12
C ARG A 23 17.30 -20.10 -15.35
N LEU A 24 18.63 -20.08 -15.37
CA LEU A 24 19.40 -18.86 -15.56
C LEU A 24 20.56 -19.11 -16.52
N GLU A 25 20.39 -20.05 -17.45
CA GLU A 25 21.48 -20.40 -18.35
C GLU A 25 21.94 -19.19 -19.14
N GLY A 26 23.24 -18.96 -19.15
CA GLY A 26 23.83 -17.87 -19.88
C GLY A 26 23.75 -16.52 -19.19
N LYS A 27 23.04 -16.41 -18.08
CA LYS A 27 22.88 -15.12 -17.43
C LYS A 27 24.12 -14.76 -16.63
N VAL A 28 24.39 -13.46 -16.56
CA VAL A 28 25.49 -12.92 -15.77
C VAL A 28 24.88 -12.14 -14.62
N ALA A 29 25.22 -12.53 -13.38
CA ALA A 29 24.63 -11.94 -12.20
C ALA A 29 25.71 -11.48 -11.21
N ILE A 30 25.51 -10.27 -10.68
CA ILE A 30 26.28 -9.75 -9.56
C ILE A 30 25.41 -9.82 -8.32
N ILE A 31 25.98 -10.28 -7.20
CA ILE A 31 25.26 -10.45 -5.94
C ILE A 31 26.08 -9.81 -4.82
N THR A 32 25.68 -8.61 -4.38
CA THR A 32 26.35 -8.00 -3.24
C THR A 32 25.94 -8.70 -1.95
N GLY A 33 26.74 -8.51 -0.91
CA GLY A 33 26.61 -9.31 0.30
C GLY A 33 26.61 -10.80 0.01
N GLY A 34 27.29 -11.23 -1.06
CA GLY A 34 27.18 -12.61 -1.52
C GLY A 34 28.01 -13.64 -0.78
N ALA A 35 28.88 -13.23 0.13
CA ALA A 35 29.75 -14.19 0.79
C ALA A 35 29.09 -14.88 1.97
N SER A 36 27.86 -14.52 2.34
CA SER A 36 27.24 -15.17 3.49
C SER A 36 25.73 -14.98 3.45
N GLY A 37 25.04 -15.80 4.22
CA GLY A 37 23.62 -15.57 4.45
C GLY A 37 22.81 -15.73 3.18
N ILE A 38 21.81 -14.85 3.05
CA ILE A 38 20.95 -14.85 1.87
C ILE A 38 21.77 -14.71 0.60
N GLY A 39 22.75 -13.80 0.60
CA GLY A 39 23.61 -13.64 -0.57
C GLY A 39 24.24 -14.94 -1.04
N ALA A 40 24.89 -15.67 -0.11
CA ALA A 40 25.58 -16.90 -0.50
C ALA A 40 24.60 -17.96 -0.95
N SER A 41 23.43 -18.04 -0.30
CA SER A 41 22.39 -18.95 -0.75
C SER A 41 22.00 -18.64 -2.19
N ALA A 42 21.86 -17.36 -2.51
CA ALA A 42 21.49 -16.95 -3.85
C ALA A 42 22.63 -17.20 -4.84
N VAL A 43 23.88 -17.03 -4.39
CA VAL A 43 25.02 -17.37 -5.25
C VAL A 43 24.97 -18.86 -5.62
N ARG A 44 24.87 -19.73 -4.61
CA ARG A 44 24.83 -21.17 -4.88
C ARG A 44 23.67 -21.52 -5.80
N LEU A 45 22.48 -20.98 -5.51
CA LEU A 45 21.31 -21.34 -6.29
C LEU A 45 21.40 -20.79 -7.72
N PHE A 46 21.82 -19.53 -7.88
CA PHE A 46 21.96 -19.00 -9.24
C PHE A 46 22.99 -19.81 -10.02
N TRP A 47 24.10 -20.17 -9.37
CA TRP A 47 25.13 -21.00 -10.00
C TRP A 47 24.57 -22.35 -10.40
N GLU A 48 23.76 -22.96 -9.52
CA GLU A 48 23.16 -24.23 -9.87
C GLU A 48 22.31 -24.10 -11.11
N ASN A 49 21.76 -22.92 -11.36
CA ASN A 49 20.86 -22.73 -12.50
C ASN A 49 21.57 -22.12 -13.70
N GLY A 50 22.90 -22.25 -13.77
CA GLY A 50 23.63 -21.99 -14.99
C GLY A 50 24.15 -20.59 -15.18
N ALA A 51 24.04 -19.73 -14.17
CA ALA A 51 24.46 -18.36 -14.31
C ALA A 51 25.93 -18.23 -13.95
N LYS A 52 26.58 -17.21 -14.54
CA LYS A 52 27.86 -16.75 -14.03
C LYS A 52 27.58 -15.74 -12.93
N VAL A 53 28.25 -15.92 -11.79
CA VAL A 53 27.95 -15.14 -10.59
C VAL A 53 29.20 -14.41 -10.14
N VAL A 54 29.09 -13.10 -9.95
CA VAL A 54 30.15 -12.32 -9.32
C VAL A 54 29.72 -12.06 -7.89
N ILE A 55 30.48 -12.59 -6.95
CA ILE A 55 30.26 -12.33 -5.53
C ILE A 55 30.94 -11.01 -5.19
N ALA A 56 30.17 -10.07 -4.65
CA ALA A 56 30.66 -8.79 -4.17
C ALA A 56 30.46 -8.73 -2.66
N ASP A 57 31.55 -8.59 -1.90
CA ASP A 57 31.47 -8.56 -0.44
C ASP A 57 32.74 -7.95 0.13
N ILE A 58 32.84 -7.95 1.46
CA ILE A 58 34.00 -7.46 2.17
C ILE A 58 34.56 -8.54 3.10
N GLN A 59 34.15 -9.80 2.89
CA GLN A 59 34.64 -10.95 3.64
C GLN A 59 35.37 -11.86 2.65
N ASP A 60 36.61 -11.49 2.34
CA ASP A 60 37.33 -12.11 1.24
C ASP A 60 37.59 -13.59 1.48
N ASP A 61 37.82 -13.99 2.73
CA ASP A 61 38.05 -15.40 3.02
C ASP A 61 36.81 -16.23 2.67
N LEU A 62 35.63 -15.81 3.14
CA LEU A 62 34.41 -16.54 2.81
C LEU A 62 34.14 -16.52 1.30
N GLY A 63 34.26 -15.33 0.69
CA GLY A 63 33.98 -15.23 -0.74
C GLY A 63 34.87 -16.12 -1.58
N GLN A 64 36.18 -16.06 -1.33
CA GLN A 64 37.07 -16.88 -2.15
C GLN A 64 36.82 -18.36 -1.90
N ALA A 65 36.36 -18.74 -0.71
CA ALA A 65 36.08 -20.14 -0.43
C ALA A 65 34.92 -20.65 -1.28
N ILE A 66 33.87 -19.85 -1.43
CA ILE A 66 32.77 -20.21 -2.32
C ILE A 66 33.27 -20.35 -3.75
N CYS A 67 34.22 -19.51 -4.16
CA CYS A 67 34.79 -19.63 -5.50
C CYS A 67 35.52 -20.95 -5.68
N ASP A 68 36.29 -21.35 -4.66
CA ASP A 68 37.01 -22.61 -4.73
CA ASP A 68 37.01 -22.61 -4.76
C ASP A 68 36.05 -23.81 -4.74
N LYS A 69 34.94 -23.69 -4.02
CA LYS A 69 33.98 -24.78 -3.96
C LYS A 69 33.25 -24.94 -5.29
N LEU A 70 32.72 -23.84 -5.82
CA LEU A 70 31.85 -23.91 -6.99
C LEU A 70 32.60 -23.89 -8.30
N GLY A 71 33.77 -23.24 -8.35
CA GLY A 71 34.59 -23.31 -9.54
C GLY A 71 34.53 -22.10 -10.45
N LYS A 72 34.67 -22.34 -11.76
CA LYS A 72 35.00 -21.29 -12.70
C LYS A 72 33.85 -20.30 -12.91
N ASN A 73 32.60 -20.72 -12.78
CA ASN A 73 31.50 -19.81 -13.11
C ASN A 73 31.26 -18.75 -12.05
N VAL A 74 32.03 -18.74 -10.97
CA VAL A 74 31.84 -17.85 -9.83
C VAL A 74 33.16 -17.13 -9.55
N SER A 75 33.11 -15.81 -9.44
N SER A 75 33.10 -15.82 -9.43
CA SER A 75 34.29 -15.04 -9.06
CA SER A 75 34.26 -15.01 -9.07
C SER A 75 33.94 -14.13 -7.90
C SER A 75 33.93 -14.15 -7.87
N TYR A 76 34.98 -13.69 -7.18
CA TYR A 76 34.84 -12.80 -6.03
C TYR A 76 35.51 -11.47 -6.32
N ILE A 77 34.85 -10.39 -5.91
CA ILE A 77 35.39 -9.04 -6.00
C ILE A 77 35.12 -8.35 -4.66
N HIS A 78 36.17 -7.83 -4.04
CA HIS A 78 36.01 -7.02 -2.83
C HIS A 78 35.28 -5.73 -3.17
N CYS A 79 34.20 -5.44 -2.43
CA CYS A 79 33.37 -4.27 -2.74
C CYS A 79 32.66 -3.79 -1.48
N ASP A 80 33.03 -2.60 -1.01
CA ASP A 80 32.22 -1.86 -0.05
C ASP A 80 31.13 -1.12 -0.83
N VAL A 81 29.87 -1.55 -0.70
CA VAL A 81 28.82 -1.00 -1.54
C VAL A 81 28.57 0.47 -1.24
N SER A 82 29.01 0.98 -0.10
CA SER A 82 28.84 2.40 0.18
C SER A 82 29.89 3.26 -0.55
N ASN A 83 30.89 2.62 -1.16
CA ASN A 83 31.95 3.31 -1.88
C ASN A 83 31.66 3.25 -3.38
N GLU A 84 31.44 4.41 -4.00
CA GLU A 84 31.06 4.38 -5.41
C GLU A 84 32.20 3.86 -6.29
N ASP A 85 33.46 4.11 -5.92
CA ASP A 85 34.55 3.56 -6.72
C ASP A 85 34.53 2.05 -6.71
N ASP A 86 34.30 1.43 -5.54
CA ASP A 86 34.17 -0.01 -5.48
C ASP A 86 33.04 -0.50 -6.39
N ILE A 87 31.88 0.17 -6.32
CA ILE A 87 30.74 -0.22 -7.14
C ILE A 87 31.06 -0.10 -8.61
N ARG A 88 31.70 1.02 -9.00
CA ARG A 88 32.08 1.21 -10.39
C ARG A 88 33.00 0.07 -10.85
N ASN A 89 34.04 -0.22 -10.06
CA ASN A 89 34.94 -1.31 -10.41
C ASN A 89 34.18 -2.62 -10.50
N LEU A 90 33.28 -2.88 -9.55
CA LEU A 90 32.50 -4.12 -9.55
C LEU A 90 31.75 -4.30 -10.86
N VAL A 91 30.98 -3.30 -11.25
CA VAL A 91 30.20 -3.41 -12.47
C VAL A 91 31.10 -3.46 -13.69
N ASP A 92 32.15 -2.64 -13.72
CA ASP A 92 32.91 -2.51 -14.97
C ASP A 92 33.73 -3.76 -15.23
N THR A 93 34.30 -4.37 -14.18
CA THR A 93 35.09 -5.58 -14.36
C THR A 93 34.21 -6.77 -14.72
N THR A 94 32.96 -6.77 -14.25
CA THR A 94 32.03 -7.84 -14.59
C THR A 94 31.67 -7.78 -16.07
N VAL A 95 31.30 -6.59 -16.56
CA VAL A 95 30.99 -6.43 -17.97
C VAL A 95 32.21 -6.73 -18.83
N ALA A 96 33.39 -6.28 -18.41
CA ALA A 96 34.61 -6.61 -19.15
C ALA A 96 34.83 -8.11 -19.18
N LYS A 97 34.62 -8.79 -18.05
CA LYS A 97 34.86 -10.22 -17.99
C LYS A 97 33.89 -10.99 -18.88
N TYR A 98 32.60 -10.67 -18.80
CA TYR A 98 31.58 -11.50 -19.43
C TYR A 98 30.86 -10.84 -20.59
N GLY A 99 31.14 -9.58 -20.91
CA GLY A 99 30.52 -8.93 -22.04
C GLY A 99 29.11 -8.41 -21.82
N LYS A 100 28.52 -8.65 -20.66
CA LYS A 100 27.15 -8.22 -20.39
C LYS A 100 26.88 -8.37 -18.90
N LEU A 101 25.81 -7.70 -18.44
CA LEU A 101 25.30 -7.84 -17.08
C LEU A 101 23.79 -8.01 -17.14
N ASP A 102 23.31 -9.18 -16.72
CA ASP A 102 21.88 -9.48 -16.74
C ASP A 102 21.19 -9.12 -15.43
N ILE A 103 21.82 -9.42 -14.30
CA ILE A 103 21.21 -9.28 -12.97
C ILE A 103 22.15 -8.51 -12.05
N MET A 104 21.65 -7.45 -11.46
CA MET A 104 22.26 -6.76 -10.33
C MET A 104 21.40 -7.05 -9.10
N PHE A 105 21.93 -7.80 -8.15
CA PHE A 105 21.19 -8.15 -6.93
C PHE A 105 21.84 -7.41 -5.76
N ASN A 106 21.30 -6.23 -5.45
CA ASN A 106 21.75 -5.39 -4.33
C ASN A 106 21.19 -5.98 -3.03
N ASN A 107 21.87 -7.02 -2.56
CA ASN A 107 21.49 -7.77 -1.38
C ASN A 107 22.12 -7.30 -0.08
N ALA A 108 23.33 -6.73 -0.12
CA ALA A 108 24.03 -6.32 1.08
C ALA A 108 23.15 -5.49 2.00
N GLY A 109 23.15 -5.84 3.28
CA GLY A 109 22.48 -5.05 4.30
C GLY A 109 23.13 -5.23 5.65
N ILE A 110 22.80 -4.30 6.56
CA ILE A 110 23.24 -4.35 7.94
C ILE A 110 22.10 -3.86 8.83
N ILE A 111 22.16 -4.22 10.11
CA ILE A 111 21.20 -3.77 11.11
CA ILE A 111 21.20 -3.77 11.10
C ILE A 111 21.94 -3.01 12.19
N ASP A 112 21.29 -1.96 12.73
CA ASP A 112 21.93 -1.15 13.77
C ASP A 112 21.75 -1.75 15.15
N ARG A 113 20.66 -2.47 15.36
CA ARG A 113 20.32 -3.06 16.65
C ARG A 113 19.20 -4.06 16.41
N PRO A 114 18.99 -4.99 17.35
CA PRO A 114 17.77 -5.81 17.25
C PRO A 114 16.50 -5.00 17.48
N TYR A 115 16.50 -4.10 18.46
CA TYR A 115 15.37 -3.24 18.76
C TYR A 115 15.88 -2.06 19.57
N GLY A 116 15.04 -1.05 19.73
CA GLY A 116 15.41 0.09 20.54
C GLY A 116 14.51 1.28 20.29
N SER A 117 14.53 2.19 21.25
CA SER A 117 13.71 3.39 21.19
C SER A 117 14.34 4.48 20.34
N ILE A 118 13.47 5.34 19.77
CA ILE A 118 13.94 6.55 19.09
C ILE A 118 14.69 7.46 20.04
N LEU A 119 14.45 7.36 21.34
CA LEU A 119 15.13 8.21 22.29
C LEU A 119 16.62 7.87 22.37
N ASP A 120 16.98 6.64 22.02
CA ASP A 120 18.35 6.13 22.15
C ASP A 120 19.07 5.94 20.83
N THR A 121 18.48 6.32 19.70
CA THR A 121 19.18 6.13 18.45
C THR A 121 20.20 7.25 18.26
N GLU A 122 21.38 6.88 17.78
CA GLU A 122 22.46 7.82 17.54
CA GLU A 122 22.46 7.84 17.55
C GLU A 122 22.51 8.22 16.07
N LYS A 123 22.74 9.51 15.83
CA LYS A 123 22.81 10.01 14.46
C LYS A 123 23.78 9.21 13.62
N SER A 124 24.92 8.83 14.21
CA SER A 124 25.96 8.12 13.47
C SER A 124 25.53 6.71 13.10
N ASP A 125 24.78 6.01 13.95
CA ASP A 125 24.29 4.68 13.56
C ASP A 125 23.29 4.78 12.41
N LEU A 126 22.37 5.74 12.49
CA LEU A 126 21.41 5.91 11.42
C LEU A 126 22.12 6.15 10.09
N GLU A 127 23.19 6.95 10.11
CA GLU A 127 23.94 7.23 8.88
C GLU A 127 24.65 5.98 8.38
N ARG A 128 25.20 5.17 9.29
CA ARG A 128 25.86 3.93 8.87
C ARG A 128 24.85 2.97 8.23
N VAL A 129 23.65 2.84 8.82
CA VAL A 129 22.65 1.96 8.23
C VAL A 129 22.19 2.50 6.88
N LEU A 130 21.94 3.81 6.79
CA LEU A 130 21.60 4.42 5.51
C LEU A 130 22.71 4.23 4.48
N GLY A 131 23.97 4.37 4.90
CA GLY A 131 25.08 4.27 3.97
C GLY A 131 25.13 2.92 3.27
N VAL A 132 25.01 1.85 4.05
CA VAL A 132 25.06 0.51 3.45
C VAL A 132 23.74 0.16 2.77
N ASN A 133 22.61 0.27 3.50
CA ASN A 133 21.34 -0.23 2.98
C ASN A 133 20.81 0.62 1.82
N LEU A 134 20.76 1.93 2.00
CA LEU A 134 20.14 2.77 0.96
C LEU A 134 21.16 3.27 -0.04
N VAL A 135 22.23 3.92 0.41
CA VAL A 135 23.18 4.50 -0.52
C VAL A 135 23.81 3.39 -1.36
N GLY A 136 24.20 2.28 -0.73
CA GLY A 136 24.80 1.18 -1.47
C GLY A 136 23.88 0.65 -2.56
N GLY A 137 22.61 0.36 -2.22
CA GLY A 137 21.68 -0.10 -3.23
C GLY A 137 21.44 0.94 -4.30
N PHE A 138 21.42 2.21 -3.91
CA PHE A 138 21.35 3.29 -4.88
C PHE A 138 22.54 3.28 -5.82
N LEU A 139 23.75 3.19 -5.28
CA LEU A 139 24.93 3.15 -6.13
C LEU A 139 24.91 1.91 -7.02
N GLY A 140 24.54 0.77 -6.46
CA GLY A 140 24.52 -0.45 -7.25
C GLY A 140 23.54 -0.36 -8.40
N ALA A 141 22.35 0.21 -8.15
CA ALA A 141 21.39 0.36 -9.23
C ALA A 141 21.86 1.37 -10.26
N LYS A 142 22.51 2.46 -9.81
CA LYS A 142 22.98 3.46 -10.77
C LYS A 142 23.96 2.85 -11.76
N HIS A 143 24.97 2.14 -11.26
CA HIS A 143 25.97 1.61 -12.17
C HIS A 143 25.48 0.42 -12.97
N ALA A 144 24.57 -0.40 -12.44
CA ALA A 144 23.99 -1.44 -13.29
C ALA A 144 23.17 -0.82 -14.40
N ALA A 145 22.32 0.16 -14.06
CA ALA A 145 21.58 0.87 -15.08
C ALA A 145 22.51 1.47 -16.12
N ARG A 146 23.66 1.99 -15.67
CA ARG A 146 24.64 2.56 -16.60
C ARG A 146 24.96 1.59 -17.73
N VAL A 147 25.18 0.32 -17.41
CA VAL A 147 25.52 -0.65 -18.45
CA VAL A 147 25.53 -0.66 -18.43
C VAL A 147 24.29 -1.35 -19.00
N MET A 148 23.21 -1.44 -18.24
CA MET A 148 22.01 -2.15 -18.70
C MET A 148 21.23 -1.35 -19.74
N VAL A 149 21.19 -0.01 -19.60
CA VAL A 149 20.39 0.81 -20.52
C VAL A 149 20.82 0.63 -21.97
N PRO A 150 22.12 0.63 -22.31
CA PRO A 150 22.48 0.36 -23.71
C PRO A 150 22.13 -1.05 -24.15
N GLN A 151 22.09 -2.01 -23.23
CA GLN A 151 21.67 -3.36 -23.63
C GLN A 151 20.18 -3.46 -23.92
N ARG A 152 19.39 -2.49 -23.46
CA ARG A 152 17.94 -2.55 -23.62
CA ARG A 152 17.93 -2.52 -23.57
C ARG A 152 17.36 -3.76 -22.91
N LYS A 153 18.02 -4.23 -21.86
CA LYS A 153 17.52 -5.36 -21.07
C LYS A 153 18.31 -5.46 -19.77
N GLY A 154 17.68 -6.07 -18.79
CA GLY A 154 18.34 -6.30 -17.52
C GLY A 154 17.34 -6.39 -16.39
N CYS A 155 17.84 -6.86 -15.24
CA CYS A 155 17.03 -7.03 -14.05
C CYS A 155 17.80 -6.50 -12.84
N ILE A 156 17.21 -5.55 -12.13
CA ILE A 156 17.80 -4.99 -10.93
C ILE A 156 16.96 -5.41 -9.73
N LEU A 157 17.61 -6.02 -8.74
CA LEU A 157 16.95 -6.56 -7.55
C LEU A 157 17.50 -5.90 -6.31
N PHE A 158 16.68 -5.86 -5.27
CA PHE A 158 17.11 -5.41 -3.95
C PHE A 158 16.62 -6.39 -2.91
N THR A 159 17.41 -6.62 -1.88
CA THR A 159 16.88 -7.28 -0.69
C THR A 159 16.34 -6.19 0.22
N ALA A 160 15.02 -6.04 0.27
CA ALA A 160 14.45 -5.07 1.20
C ALA A 160 14.22 -5.77 2.53
N SER A 161 12.96 -5.82 3.00
CA SER A 161 12.63 -6.48 4.26
C SER A 161 11.14 -6.39 4.52
N ALA A 162 10.59 -7.36 5.27
CA ALA A 162 9.20 -7.25 5.69
C ALA A 162 8.96 -5.97 6.49
N CYS A 163 9.99 -5.46 7.17
CA CYS A 163 9.91 -4.19 7.90
CA CYS A 163 9.78 -4.23 7.92
C CYS A 163 9.51 -3.01 7.02
N ALA A 164 9.66 -3.14 5.70
CA ALA A 164 9.19 -2.07 4.83
C ALA A 164 7.68 -2.15 4.59
N SER A 165 7.02 -3.19 5.07
CA SER A 165 5.60 -3.37 4.86
C SER A 165 4.79 -3.23 6.13
N ILE A 166 5.43 -3.14 7.29
CA ILE A 166 4.73 -3.16 8.57
C ILE A 166 5.68 -2.68 9.66
N ALA A 167 5.14 -1.93 10.61
CA ALA A 167 5.93 -1.46 11.73
C ALA A 167 5.95 -2.51 12.84
N GLY A 168 6.97 -2.40 13.70
CA GLY A 168 7.12 -3.29 14.83
C GLY A 168 8.08 -4.42 14.61
N LEU A 169 8.65 -4.55 13.41
CA LEU A 169 9.60 -5.62 13.10
C LEU A 169 11.06 -5.21 13.20
N GLY A 170 11.40 -3.94 12.98
CA GLY A 170 12.80 -3.53 13.03
C GLY A 170 12.96 -2.16 13.68
N THR A 171 14.21 -1.81 13.94
CA THR A 171 14.52 -0.48 14.46
C THR A 171 14.06 0.60 13.48
N HIS A 172 14.00 1.83 13.98
CA HIS A 172 13.54 2.94 13.15
C HIS A 172 14.48 3.20 11.97
N ALA A 173 15.79 3.15 12.20
CA ALA A 173 16.76 3.38 11.12
C ALA A 173 16.64 2.30 10.05
N TYR A 174 16.61 1.05 10.47
CA TYR A 174 16.51 -0.06 9.52
C TYR A 174 15.20 0.02 8.74
N THR A 175 14.09 0.26 9.46
CA THR A 175 12.80 0.32 8.80
C THR A 175 12.74 1.46 7.82
N ALA A 176 13.25 2.63 8.22
CA ALA A 176 13.27 3.75 7.30
C ALA A 176 14.11 3.42 6.07
N SER A 177 15.27 2.79 6.26
CA SER A 177 16.13 2.46 5.13
C SER A 177 15.47 1.47 4.18
N LYS A 178 14.71 0.51 4.72
CA LYS A 178 14.09 -0.49 3.87
C LYS A 178 12.87 0.05 3.13
N HIS A 179 12.08 0.92 3.78
CA HIS A 179 11.04 1.64 3.05
C HIS A 179 11.65 2.39 1.87
N ALA A 180 12.80 3.05 2.11
CA ALA A 180 13.42 3.83 1.05
C ALA A 180 13.80 2.93 -0.13
N ILE A 181 14.28 1.72 0.17
CA ILE A 181 14.65 0.78 -0.89
C ILE A 181 13.43 0.40 -1.73
N VAL A 182 12.33 0.06 -1.07
CA VAL A 182 11.10 -0.28 -1.81
C VAL A 182 10.67 0.88 -2.68
N GLY A 183 10.74 2.10 -2.15
CA GLY A 183 10.37 3.26 -2.94
C GLY A 183 11.33 3.50 -4.09
N LEU A 184 12.63 3.33 -3.85
CA LEU A 184 13.62 3.46 -4.92
C LEU A 184 13.33 2.43 -6.02
N MET A 185 13.11 1.18 -5.62
CA MET A 185 12.61 0.12 -6.50
C MET A 185 11.46 0.52 -7.40
N LYS A 186 10.38 1.07 -6.84
CA LYS A 186 9.27 1.44 -7.70
C LYS A 186 9.66 2.56 -8.67
N ASN A 187 10.42 3.54 -8.18
CA ASN A 187 10.77 4.67 -9.01
C ASN A 187 11.69 4.25 -10.14
N LEU A 188 12.64 3.35 -9.86
CA LEU A 188 13.51 2.85 -10.91
C LEU A 188 12.75 1.98 -11.90
N ALA A 189 11.79 1.17 -11.44
CA ALA A 189 10.98 0.42 -12.40
C ALA A 189 10.27 1.35 -13.37
N ALA A 190 9.88 2.54 -12.90
CA ALA A 190 9.22 3.50 -13.76
C ALA A 190 10.19 4.10 -14.78
N GLU A 191 11.35 4.55 -14.33
CA GLU A 191 12.31 5.14 -15.27
C GLU A 191 12.86 4.08 -16.22
N LEU A 192 13.25 2.92 -15.70
CA LEU A 192 14.01 2.00 -16.51
C LEU A 192 13.15 1.09 -17.37
N GLY A 193 11.83 1.04 -17.12
CA GLY A 193 10.95 0.25 -17.97
C GLY A 193 11.02 0.63 -19.43
N GLN A 194 11.22 1.92 -19.72
N GLN A 194 11.21 1.92 -19.73
CA GLN A 194 11.35 2.39 -21.09
CA GLN A 194 11.31 2.34 -21.13
C GLN A 194 12.53 1.76 -21.81
C GLN A 194 12.56 1.81 -21.82
N HIS A 195 13.50 1.23 -21.06
CA HIS A 195 14.66 0.56 -21.63
C HIS A 195 14.55 -0.95 -21.53
N GLY A 196 13.37 -1.48 -21.18
CA GLY A 196 13.22 -2.91 -21.03
C GLY A 196 13.83 -3.50 -19.79
N ILE A 197 14.23 -2.68 -18.82
CA ILE A 197 14.86 -3.16 -17.60
C ILE A 197 13.79 -3.36 -16.53
N ARG A 198 13.81 -4.51 -15.86
CA ARG A 198 12.91 -4.82 -14.76
C ARG A 198 13.60 -4.52 -13.45
N VAL A 199 12.85 -4.01 -12.48
CA VAL A 199 13.35 -3.70 -11.14
C VAL A 199 12.38 -4.24 -10.10
N ASN A 200 12.89 -5.05 -9.16
CA ASN A 200 12.04 -5.62 -8.13
C ASN A 200 12.82 -5.72 -6.83
N CYS A 201 12.15 -6.17 -5.78
CA CYS A 201 12.85 -6.45 -4.54
C CYS A 201 12.22 -7.65 -3.85
N VAL A 202 13.01 -8.25 -2.96
CA VAL A 202 12.58 -9.38 -2.15
C VAL A 202 12.64 -8.90 -0.71
N SER A 203 11.57 -9.16 0.06
CA SER A 203 11.45 -8.62 1.41
C SER A 203 11.24 -9.77 2.39
N PRO A 204 12.30 -10.27 2.99
CA PRO A 204 12.17 -11.40 3.91
C PRO A 204 11.81 -10.96 5.33
N TYR A 205 11.36 -11.95 6.09
CA TYR A 205 10.88 -11.76 7.46
C TYR A 205 12.05 -11.68 8.43
N GLY A 206 12.69 -12.81 8.68
CA GLY A 206 13.81 -12.89 9.60
C GLY A 206 14.81 -13.96 9.21
N VAL A 207 15.56 -14.47 10.18
CA VAL A 207 16.56 -15.52 9.97
C VAL A 207 17.50 -15.10 8.83
N VAL A 208 17.98 -13.86 8.90
CA VAL A 208 18.77 -13.22 7.83
C VAL A 208 19.89 -14.13 7.27
N GLU A 224 15.32 -17.27 15.12
CA GLU A 224 14.27 -18.24 14.77
C GLU A 224 13.29 -18.45 15.91
N ALA A 225 13.78 -18.25 17.14
CA ALA A 225 12.97 -18.56 18.32
C ALA A 225 11.69 -17.74 18.34
N MET A 226 11.81 -16.42 18.42
CA MET A 226 10.63 -15.57 18.38
C MET A 226 9.95 -15.64 17.01
N LEU A 227 10.74 -15.53 15.94
CA LEU A 227 10.22 -15.46 14.58
C LEU A 227 9.24 -16.58 14.28
N SER A 228 9.59 -17.82 14.62
CA SER A 228 8.70 -18.94 14.31
C SER A 228 7.47 -18.94 15.20
N GLU A 229 7.63 -18.51 16.46
CA GLU A 229 6.51 -18.54 17.40
C GLU A 229 5.49 -17.45 17.06
N VAL A 230 5.95 -16.21 16.87
CA VAL A 230 5.03 -15.11 16.61
C VAL A 230 4.66 -15.00 15.14
N GLY A 231 5.33 -15.73 14.26
CA GLY A 231 5.03 -15.64 12.85
C GLY A 231 3.59 -16.02 12.54
N ASN A 232 3.13 -15.58 11.37
CA ASN A 232 1.76 -15.85 10.95
C ASN A 232 1.59 -17.28 10.43
N LEU A 233 2.54 -17.77 9.64
CA LEU A 233 2.45 -19.11 9.07
C LEU A 233 3.01 -20.11 10.07
N LYS A 234 2.13 -20.80 10.80
CA LYS A 234 2.57 -21.75 11.81
C LYS A 234 3.11 -23.02 11.16
N GLY A 235 4.08 -23.65 11.83
CA GLY A 235 4.69 -24.84 11.29
C GLY A 235 5.66 -24.60 10.16
N ALA A 236 5.88 -23.36 9.76
CA ALA A 236 6.90 -23.05 8.77
C ALA A 236 7.96 -22.19 9.42
N VAL A 237 9.15 -22.24 8.84
CA VAL A 237 10.28 -21.43 9.28
C VAL A 237 10.93 -20.82 8.06
N LEU A 238 11.19 -19.51 8.09
CA LEU A 238 11.95 -18.86 7.04
C LEU A 238 13.38 -19.40 7.01
N LYS A 239 13.79 -19.91 5.86
CA LYS A 239 15.18 -20.31 5.62
C LYS A 239 15.76 -19.44 4.51
N VAL A 240 17.09 -19.34 4.48
CA VAL A 240 17.73 -18.47 3.50
C VAL A 240 17.36 -18.88 2.08
N GLU A 241 17.17 -20.17 1.84
CA GLU A 241 16.79 -20.65 0.51
C GLU A 241 15.48 -20.03 0.05
N ASP A 242 14.53 -19.77 0.96
CA ASP A 242 13.27 -19.12 0.58
C ASP A 242 13.51 -17.78 -0.09
N VAL A 243 14.46 -17.00 0.44
CA VAL A 243 14.77 -15.70 -0.17
C VAL A 243 15.48 -15.89 -1.50
N ALA A 244 16.46 -16.79 -1.54
CA ALA A 244 17.16 -17.08 -2.79
C ALA A 244 16.17 -17.51 -3.87
N GLN A 245 15.20 -18.38 -3.52
CA GLN A 245 14.26 -18.87 -4.53
C GLN A 245 13.35 -17.76 -5.04
N ALA A 246 12.96 -16.83 -4.17
CA ALA A 246 12.21 -15.67 -4.65
C ALA A 246 13.06 -14.82 -5.60
N ALA A 247 14.33 -14.63 -5.25
CA ALA A 247 15.22 -13.89 -6.13
C ALA A 247 15.43 -14.62 -7.45
N LEU A 248 15.50 -15.96 -7.41
CA LEU A 248 15.69 -16.74 -8.62
C LEU A 248 14.50 -16.57 -9.56
N TYR A 249 13.29 -16.70 -9.01
CA TYR A 249 12.09 -16.46 -9.81
C TYR A 249 12.14 -15.08 -10.47
N LEU A 250 12.33 -14.03 -9.64
CA LEU A 250 12.35 -12.66 -10.17
C LEU A 250 13.46 -12.45 -11.20
N ALA A 251 14.59 -13.13 -11.06
CA ALA A 251 15.72 -12.89 -11.95
C ALA A 251 15.60 -13.66 -13.26
N SER A 252 14.73 -14.65 -13.31
CA SER A 252 14.61 -15.51 -14.47
C SER A 252 13.67 -14.93 -15.52
N ASP A 253 13.73 -15.52 -16.72
CA ASP A 253 12.76 -15.20 -17.75
C ASP A 253 11.35 -15.66 -17.40
N GLU A 254 11.20 -16.52 -16.37
CA GLU A 254 9.88 -16.81 -15.82
C GLU A 254 9.19 -15.56 -15.32
N ALA A 255 9.94 -14.49 -15.02
CA ALA A 255 9.40 -13.25 -14.47
C ALA A 255 9.49 -12.12 -15.49
N ASN A 256 9.35 -12.46 -16.76
CA ASN A 256 9.57 -11.54 -17.88
C ASN A 256 8.70 -10.30 -17.83
N TYR A 257 7.55 -10.33 -17.16
CA TYR A 257 6.67 -9.16 -17.08
C TYR A 257 6.46 -8.73 -15.65
N VAL A 258 7.41 -9.05 -14.77
CA VAL A 258 7.34 -8.69 -13.36
C VAL A 258 8.32 -7.56 -13.13
N SER A 259 7.79 -6.39 -12.80
CA SER A 259 8.62 -5.25 -12.46
C SER A 259 7.83 -4.37 -11.52
N GLY A 260 8.54 -3.71 -10.62
CA GLY A 260 7.92 -2.90 -9.59
C GLY A 260 7.39 -3.70 -8.42
N LEU A 261 7.63 -5.00 -8.38
CA LEU A 261 7.03 -5.85 -7.38
C LEU A 261 7.88 -5.87 -6.11
N ASN A 262 7.23 -5.74 -4.96
CA ASN A 262 7.87 -6.01 -3.67
C ASN A 262 7.46 -7.44 -3.27
N LEU A 263 8.32 -8.40 -3.59
CA LEU A 263 8.00 -9.80 -3.32
C LEU A 263 8.33 -10.10 -1.87
N VAL A 264 7.28 -10.08 -1.04
CA VAL A 264 7.40 -10.28 0.40
C VAL A 264 7.43 -11.77 0.71
N VAL A 265 8.40 -12.19 1.52
CA VAL A 265 8.58 -13.59 1.92
C VAL A 265 8.57 -13.59 3.43
N ASP A 266 7.38 -13.61 4.03
CA ASP A 266 7.28 -13.48 5.48
C ASP A 266 6.14 -14.32 6.05
N GLY A 267 5.61 -15.27 5.28
CA GLY A 267 4.51 -16.07 5.78
C GLY A 267 3.27 -15.27 6.15
N GLY A 268 3.16 -14.03 5.68
CA GLY A 268 2.00 -13.23 5.96
C GLY A 268 2.09 -12.38 7.21
N PHE A 269 3.30 -12.27 7.79
CA PHE A 269 3.46 -11.48 9.00
C PHE A 269 3.07 -10.01 8.80
N SER A 270 3.42 -9.43 7.65
CA SER A 270 3.20 -8.00 7.47
C SER A 270 1.79 -7.63 7.02
N VAL A 271 0.87 -8.59 6.89
CA VAL A 271 -0.49 -8.26 6.48
C VAL A 271 -1.47 -8.27 7.63
N VAL A 272 -1.04 -8.66 8.82
CA VAL A 272 -1.95 -8.84 9.94
C VAL A 272 -1.43 -8.13 11.18
N ASN A 273 -2.35 -7.58 11.95
CA ASN A 273 -2.12 -7.26 13.36
C ASN A 273 -2.93 -8.28 14.14
N PRO A 274 -2.31 -9.28 14.77
CA PRO A 274 -3.08 -10.37 15.37
C PRO A 274 -3.48 -10.13 16.82
N SER A 275 -3.44 -8.86 17.27
CA SER A 275 -3.71 -8.56 18.67
C SER A 275 -5.08 -9.05 19.09
N MET A 276 -6.03 -9.05 18.15
CA MET A 276 -7.38 -9.50 18.42
C MET A 276 -7.48 -11.02 18.41
N MET A 277 -6.97 -11.67 17.34
CA MET A 277 -6.94 -13.12 17.31
C MET A 277 -6.31 -13.68 18.59
N MET A 278 -5.16 -13.13 18.99
CA MET A 278 -4.46 -13.60 20.18
C MET A 278 -5.29 -13.44 21.45
N ALA A 279 -6.15 -12.43 21.50
CA ALA A 279 -6.93 -12.16 22.71
C ALA A 279 -8.35 -12.73 22.63
N LEU A 280 -8.66 -13.50 21.59
CA LEU A 280 -9.98 -14.11 21.44
C LEU A 280 -10.00 -15.52 22.02
N LEU B 14 30.66 -29.50 -8.19
CA LEU B 14 31.50 -28.60 -8.98
C LEU B 14 30.88 -28.40 -10.37
N VAL B 15 29.91 -29.24 -10.73
CA VAL B 15 29.23 -29.17 -12.02
C VAL B 15 27.80 -28.71 -11.78
N PRO B 16 27.33 -27.64 -12.42
CA PRO B 16 25.99 -27.11 -12.13
C PRO B 16 24.89 -28.09 -12.52
N ARG B 17 23.99 -28.34 -11.58
CA ARG B 17 22.81 -29.16 -11.79
C ARG B 17 21.59 -28.28 -11.53
N GLY B 18 20.66 -28.24 -12.48
CA GLY B 18 19.58 -27.28 -12.42
C GLY B 18 18.43 -27.69 -11.52
N SER B 19 17.29 -27.04 -11.73
CA SER B 19 16.08 -27.35 -10.97
C SER B 19 15.31 -28.50 -11.62
N HIS B 20 14.74 -29.37 -10.80
CA HIS B 20 13.93 -30.46 -11.33
C HIS B 20 12.71 -29.92 -12.07
N MET B 21 12.42 -30.55 -13.21
CA MET B 21 11.33 -30.12 -14.08
C MET B 21 9.94 -30.37 -13.52
N LYS B 22 9.79 -31.20 -12.50
CA LYS B 22 8.47 -31.49 -11.95
C LYS B 22 8.31 -30.84 -10.58
N ARG B 23 8.16 -29.52 -10.60
CA ARG B 23 8.09 -28.76 -9.36
C ARG B 23 6.80 -28.98 -8.59
N LEU B 24 5.78 -29.59 -9.19
CA LEU B 24 4.54 -29.84 -8.50
C LEU B 24 4.28 -31.33 -8.40
N GLU B 25 5.34 -32.14 -8.44
CA GLU B 25 5.18 -33.58 -8.45
C GLU B 25 4.48 -34.04 -7.19
N GLY B 26 3.41 -34.82 -7.37
CA GLY B 26 2.65 -35.31 -6.25
C GLY B 26 1.51 -34.43 -5.83
N LYS B 27 1.49 -33.17 -6.27
CA LYS B 27 0.45 -32.25 -5.83
C LYS B 27 -0.85 -32.44 -6.60
N VAL B 28 -1.97 -32.18 -5.91
CA VAL B 28 -3.30 -32.17 -6.51
C VAL B 28 -3.82 -30.73 -6.52
N ALA B 29 -4.21 -30.25 -7.70
CA ALA B 29 -4.59 -28.85 -7.88
C ALA B 29 -5.91 -28.76 -8.62
N ILE B 30 -6.76 -27.86 -8.15
CA ILE B 30 -7.99 -27.48 -8.82
C ILE B 30 -7.77 -26.09 -9.40
N ILE B 31 -8.11 -25.91 -10.68
CA ILE B 31 -8.01 -24.61 -11.33
C ILE B 31 -9.39 -24.26 -11.88
N THR B 32 -10.09 -23.32 -11.24
CA THR B 32 -11.33 -22.84 -11.82
C THR B 32 -11.06 -21.93 -13.01
N GLY B 33 -12.03 -21.84 -13.91
CA GLY B 33 -11.77 -21.15 -15.15
C GLY B 33 -10.65 -21.77 -15.97
N GLY B 34 -10.39 -23.07 -15.78
CA GLY B 34 -9.24 -23.75 -16.34
C GLY B 34 -9.34 -24.10 -17.81
N ALA B 35 -10.49 -23.87 -18.46
CA ALA B 35 -10.66 -24.33 -19.82
C ALA B 35 -10.19 -23.34 -20.88
N SER B 36 -9.81 -22.12 -20.49
CA SER B 36 -9.34 -21.14 -21.45
C SER B 36 -8.48 -20.11 -20.74
N GLY B 37 -7.76 -19.31 -21.53
CA GLY B 37 -7.06 -18.15 -21.03
C GLY B 37 -5.97 -18.51 -20.03
N ILE B 38 -5.92 -17.71 -18.96
CA ILE B 38 -4.91 -17.91 -17.92
C ILE B 38 -5.07 -19.30 -17.31
N GLY B 39 -6.31 -19.68 -17.01
CA GLY B 39 -6.54 -20.98 -16.39
C GLY B 39 -6.01 -22.14 -17.21
N ALA B 40 -6.29 -22.13 -18.53
CA ALA B 40 -5.79 -23.19 -19.39
C ALA B 40 -4.28 -23.20 -19.44
N SER B 41 -3.67 -22.01 -19.51
CA SER B 41 -2.21 -21.90 -19.44
C SER B 41 -1.67 -22.51 -18.17
N ALA B 42 -2.31 -22.21 -17.04
CA ALA B 42 -1.86 -22.74 -15.77
C ALA B 42 -2.10 -24.25 -15.68
N VAL B 43 -3.22 -24.75 -16.24
CA VAL B 43 -3.46 -26.20 -16.29
C VAL B 43 -2.31 -26.90 -17.01
N ARG B 44 -1.96 -26.41 -18.20
CA ARG B 44 -0.87 -27.02 -18.96
CA ARG B 44 -0.87 -27.03 -18.95
C ARG B 44 0.46 -26.95 -18.20
N LEU B 45 0.75 -25.80 -17.61
CA LEU B 45 2.02 -25.66 -16.89
C LEU B 45 2.04 -26.52 -15.64
N PHE B 46 0.95 -26.54 -14.87
CA PHE B 46 0.93 -27.38 -13.68
C PHE B 46 1.03 -28.85 -14.07
N TRP B 47 0.38 -29.23 -15.19
CA TRP B 47 0.48 -30.60 -15.66
C TRP B 47 1.92 -30.94 -16.04
N GLU B 48 2.58 -30.04 -16.78
CA GLU B 48 3.96 -30.33 -17.16
CA GLU B 48 3.97 -30.25 -17.17
C GLU B 48 4.88 -30.38 -15.95
N ASN B 49 4.47 -29.81 -14.81
CA ASN B 49 5.26 -29.87 -13.60
C ASN B 49 4.85 -31.04 -12.68
N GLY B 50 4.07 -31.99 -13.17
CA GLY B 50 3.82 -33.21 -12.44
C GLY B 50 2.61 -33.20 -11.55
N ALA B 51 1.77 -32.17 -11.64
CA ALA B 51 0.59 -32.09 -10.79
C ALA B 51 -0.55 -32.87 -11.40
N LYS B 52 -1.37 -33.45 -10.54
CA LYS B 52 -2.74 -33.83 -10.93
C LYS B 52 -3.60 -32.58 -10.90
N VAL B 53 -4.33 -32.35 -11.99
CA VAL B 53 -5.01 -31.09 -12.23
C VAL B 53 -6.47 -31.38 -12.51
N VAL B 54 -7.37 -30.74 -11.77
CA VAL B 54 -8.80 -30.81 -12.02
C VAL B 54 -9.22 -29.49 -12.64
N ILE B 55 -9.60 -29.51 -13.91
CA ILE B 55 -10.12 -28.33 -14.60
C ILE B 55 -11.57 -28.12 -14.15
N ALA B 56 -11.87 -26.97 -13.58
CA ALA B 56 -13.25 -26.61 -13.23
C ALA B 56 -13.69 -25.46 -14.12
N ASP B 57 -14.78 -25.68 -14.86
CA ASP B 57 -15.26 -24.63 -15.75
C ASP B 57 -16.71 -24.91 -16.13
N ILE B 58 -17.24 -24.07 -17.03
CA ILE B 58 -18.54 -24.23 -17.63
C ILE B 58 -18.44 -24.35 -19.15
N GLN B 59 -17.23 -24.43 -19.68
CA GLN B 59 -17.02 -24.72 -21.09
C GLN B 59 -16.59 -26.18 -21.19
N ASP B 60 -17.58 -27.06 -21.20
CA ASP B 60 -17.34 -28.49 -21.06
C ASP B 60 -16.55 -29.04 -22.26
N ASP B 61 -16.97 -28.72 -23.48
CA ASP B 61 -16.27 -29.25 -24.63
C ASP B 61 -14.81 -28.80 -24.64
N LEU B 62 -14.55 -27.52 -24.32
CA LEU B 62 -13.18 -27.04 -24.27
C LEU B 62 -12.37 -27.73 -23.18
N GLY B 63 -12.96 -27.89 -21.99
CA GLY B 63 -12.22 -28.48 -20.90
C GLY B 63 -11.86 -29.94 -21.15
N GLN B 64 -12.80 -30.70 -21.71
CA GLN B 64 -12.53 -32.09 -22.01
CA GLN B 64 -12.54 -32.09 -22.00
C GLN B 64 -11.49 -32.24 -23.11
N ALA B 65 -11.42 -31.28 -24.04
CA ALA B 65 -10.41 -31.40 -25.09
C ALA B 65 -9.00 -31.23 -24.53
N ILE B 66 -8.85 -30.39 -23.50
CA ILE B 66 -7.57 -30.33 -22.79
C ILE B 66 -7.25 -31.66 -22.14
N CYS B 67 -8.24 -32.24 -21.45
CA CYS B 67 -8.03 -33.54 -20.79
C CYS B 67 -7.66 -34.62 -21.79
N ASP B 68 -8.34 -34.67 -22.95
CA ASP B 68 -8.02 -35.66 -23.96
C ASP B 68 -6.61 -35.47 -24.47
N LYS B 69 -6.15 -34.22 -24.58
CA LYS B 69 -4.79 -33.96 -25.03
C LYS B 69 -3.77 -34.30 -23.95
N LEU B 70 -4.06 -33.97 -22.70
CA LEU B 70 -3.08 -34.09 -21.65
C LEU B 70 -3.07 -35.46 -20.98
N GLY B 71 -4.15 -36.22 -21.07
CA GLY B 71 -4.15 -37.56 -20.52
C GLY B 71 -4.61 -37.62 -19.08
N LYS B 72 -4.28 -38.75 -18.44
CA LYS B 72 -4.97 -39.21 -17.24
C LYS B 72 -4.80 -38.29 -16.04
N ASN B 73 -3.69 -37.54 -15.97
CA ASN B 73 -3.48 -36.67 -14.81
C ASN B 73 -4.38 -35.44 -14.81
N VAL B 74 -5.12 -35.17 -15.89
CA VAL B 74 -5.96 -33.99 -15.98
C VAL B 74 -7.40 -34.45 -16.19
N SER B 75 -8.32 -33.96 -15.34
CA SER B 75 -9.73 -34.28 -15.46
C SER B 75 -10.56 -33.00 -15.47
N TYR B 76 -11.84 -33.14 -15.82
CA TYR B 76 -12.71 -31.99 -15.99
C TYR B 76 -13.95 -32.11 -15.12
N ILE B 77 -14.34 -31.00 -14.51
CA ILE B 77 -15.52 -30.93 -13.66
C ILE B 77 -16.30 -29.66 -13.99
N HIS B 78 -17.57 -29.83 -14.34
CA HIS B 78 -18.45 -28.69 -14.57
C HIS B 78 -18.70 -27.97 -13.27
N CYS B 79 -18.36 -26.69 -13.22
CA CYS B 79 -18.50 -25.93 -11.99
C CYS B 79 -18.79 -24.46 -12.30
N ASP B 80 -19.98 -24.02 -11.95
CA ASP B 80 -20.30 -22.61 -11.86
C ASP B 80 -19.84 -22.13 -10.48
N VAL B 81 -18.76 -21.34 -10.45
CA VAL B 81 -18.15 -21.05 -9.15
C VAL B 81 -19.06 -20.21 -8.27
N SER B 82 -20.10 -19.59 -8.83
CA SER B 82 -21.02 -18.88 -7.95
C SER B 82 -22.02 -19.80 -7.28
N ASN B 83 -22.04 -21.09 -7.64
CA ASN B 83 -22.98 -22.07 -7.11
C ASN B 83 -22.25 -22.89 -6.04
N GLU B 84 -22.71 -22.80 -4.78
CA GLU B 84 -21.99 -23.51 -3.73
C GLU B 84 -22.07 -25.02 -3.87
N ASP B 85 -23.19 -25.56 -4.37
CA ASP B 85 -23.24 -27.00 -4.58
C ASP B 85 -22.18 -27.44 -5.59
N ASP B 86 -22.02 -26.67 -6.67
CA ASP B 86 -20.98 -26.97 -7.66
C ASP B 86 -19.60 -26.98 -7.02
N ILE B 87 -19.30 -25.95 -6.21
CA ILE B 87 -17.99 -25.85 -5.57
C ILE B 87 -17.77 -27.03 -4.62
N ARG B 88 -18.76 -27.30 -3.78
CA ARG B 88 -18.65 -28.41 -2.84
CA ARG B 88 -18.67 -28.42 -2.84
C ARG B 88 -18.39 -29.72 -3.58
N ASN B 89 -19.08 -29.96 -4.68
CA ASN B 89 -18.88 -31.19 -5.47
C ASN B 89 -17.49 -31.21 -6.11
N LEU B 90 -17.03 -30.07 -6.60
CA LEU B 90 -15.70 -29.97 -7.17
C LEU B 90 -14.63 -30.39 -6.17
N VAL B 91 -14.69 -29.84 -4.96
CA VAL B 91 -13.71 -30.18 -3.94
C VAL B 91 -13.87 -31.64 -3.52
N ASP B 92 -15.12 -32.08 -3.29
CA ASP B 92 -15.33 -33.43 -2.76
C ASP B 92 -14.95 -34.51 -3.77
N THR B 93 -15.28 -34.31 -5.05
CA THR B 93 -14.87 -35.31 -6.04
C THR B 93 -13.36 -35.38 -6.13
N THR B 94 -12.71 -34.23 -5.99
CA THR B 94 -11.25 -34.20 -6.09
C THR B 94 -10.62 -34.98 -4.95
N VAL B 95 -11.06 -34.73 -3.72
CA VAL B 95 -10.54 -35.48 -2.58
C VAL B 95 -10.84 -36.98 -2.72
N ALA B 96 -12.02 -37.32 -3.23
CA ALA B 96 -12.34 -38.74 -3.42
C ALA B 96 -11.44 -39.39 -4.46
N LYS B 97 -11.10 -38.65 -5.52
CA LYS B 97 -10.23 -39.20 -6.56
C LYS B 97 -8.80 -39.36 -6.06
N TYR B 98 -8.26 -38.35 -5.37
CA TYR B 98 -6.83 -38.34 -5.08
C TYR B 98 -6.45 -38.36 -3.62
N GLY B 99 -7.41 -38.33 -2.69
CA GLY B 99 -7.09 -38.43 -1.29
C GLY B 99 -6.70 -37.13 -0.61
N LYS B 100 -6.49 -36.04 -1.36
CA LYS B 100 -6.04 -34.79 -0.76
C LYS B 100 -6.31 -33.65 -1.73
N LEU B 101 -6.18 -32.42 -1.22
CA LEU B 101 -6.20 -31.21 -2.04
C LEU B 101 -5.02 -30.35 -1.66
N ASP B 102 -4.11 -30.10 -2.60
CA ASP B 102 -2.95 -29.26 -2.30
C ASP B 102 -3.13 -27.81 -2.71
N ILE B 103 -3.71 -27.57 -3.88
CA ILE B 103 -3.73 -26.23 -4.47
C ILE B 103 -5.15 -25.96 -4.93
N MET B 104 -5.74 -24.87 -4.46
CA MET B 104 -7.07 -24.44 -4.90
C MET B 104 -6.80 -23.14 -5.67
N PHE B 105 -6.84 -23.18 -7.00
CA PHE B 105 -6.56 -21.96 -7.78
C PHE B 105 -7.90 -21.37 -8.23
N ASN B 106 -8.35 -20.31 -7.53
CA ASN B 106 -9.60 -19.62 -7.82
C ASN B 106 -9.32 -18.55 -8.88
N ASN B 107 -9.25 -19.01 -10.12
CA ASN B 107 -8.82 -18.20 -11.24
C ASN B 107 -9.98 -17.62 -12.05
N ALA B 108 -11.15 -18.24 -11.98
CA ALA B 108 -12.26 -17.82 -12.81
C ALA B 108 -12.62 -16.37 -12.52
N GLY B 109 -12.80 -15.58 -13.58
CA GLY B 109 -13.18 -14.18 -13.45
C GLY B 109 -13.88 -13.70 -14.70
N ILE B 110 -14.76 -12.70 -14.54
CA ILE B 110 -15.45 -12.07 -15.66
C ILE B 110 -15.36 -10.54 -15.54
N ILE B 111 -15.75 -9.85 -16.61
CA ILE B 111 -15.82 -8.39 -16.63
C ILE B 111 -17.20 -7.96 -17.14
N ASP B 112 -17.69 -6.83 -16.59
CA ASP B 112 -18.92 -6.26 -17.13
C ASP B 112 -18.67 -5.59 -18.47
N ARG B 113 -17.55 -4.89 -18.59
CA ARG B 113 -17.18 -4.15 -19.80
C ARG B 113 -15.67 -3.97 -19.79
N PRO B 114 -15.07 -3.58 -20.91
CA PRO B 114 -13.66 -3.18 -20.86
C PRO B 114 -13.47 -1.84 -20.16
N TYR B 115 -14.45 -0.94 -20.25
CA TYR B 115 -14.37 0.38 -19.63
C TYR B 115 -15.78 0.97 -19.62
N GLY B 116 -15.98 1.96 -18.74
CA GLY B 116 -17.26 2.66 -18.64
C GLY B 116 -17.44 3.54 -17.42
N SER B 117 -18.38 4.48 -17.50
CA SER B 117 -18.64 5.41 -16.41
C SER B 117 -19.54 4.81 -15.34
N ILE B 118 -19.34 5.25 -14.08
CA ILE B 118 -20.24 4.91 -12.99
C ILE B 118 -21.68 5.24 -13.35
N LEU B 119 -21.88 6.28 -14.16
CA LEU B 119 -23.24 6.71 -14.48
C LEU B 119 -23.99 5.69 -15.31
N ASP B 120 -23.27 4.85 -16.05
CA ASP B 120 -23.80 3.86 -16.98
C ASP B 120 -23.95 2.50 -16.32
N THR B 121 -23.49 2.34 -15.09
CA THR B 121 -23.24 1.03 -14.55
C THR B 121 -24.55 0.45 -14.02
N GLU B 122 -24.94 -0.71 -14.55
CA GLU B 122 -26.18 -1.35 -14.17
C GLU B 122 -26.02 -2.17 -12.90
N LYS B 123 -27.01 -2.08 -12.00
CA LYS B 123 -26.95 -2.85 -10.76
C LYS B 123 -26.77 -4.34 -11.05
N SER B 124 -27.53 -4.87 -12.01
CA SER B 124 -27.47 -6.30 -12.31
C SER B 124 -26.10 -6.72 -12.82
N ASP B 125 -25.38 -5.82 -13.52
CA ASP B 125 -24.03 -6.15 -13.98
C ASP B 125 -23.07 -6.22 -12.81
N LEU B 126 -23.13 -5.23 -11.90
CA LEU B 126 -22.26 -5.30 -10.73
C LEU B 126 -22.48 -6.61 -9.98
N GLU B 127 -23.74 -7.00 -9.80
CA GLU B 127 -24.06 -8.21 -9.05
C GLU B 127 -23.52 -9.45 -9.75
N ARG B 128 -23.60 -9.52 -11.08
CA ARG B 128 -23.05 -10.68 -11.79
CA ARG B 128 -23.06 -10.70 -11.76
C ARG B 128 -21.54 -10.71 -11.71
N VAL B 129 -20.89 -9.55 -11.85
CA VAL B 129 -19.43 -9.51 -11.67
C VAL B 129 -19.06 -9.99 -10.28
N LEU B 130 -19.82 -9.57 -9.26
CA LEU B 130 -19.50 -9.96 -7.89
C LEU B 130 -19.74 -11.44 -7.66
N GLY B 131 -20.88 -11.96 -8.13
CA GLY B 131 -21.19 -13.38 -7.96
C GLY B 131 -20.06 -14.28 -8.42
N VAL B 132 -19.55 -14.04 -9.63
CA VAL B 132 -18.49 -14.89 -10.17
C VAL B 132 -17.16 -14.59 -9.51
N ASN B 133 -16.74 -13.31 -9.50
CA ASN B 133 -15.38 -12.97 -9.08
C ASN B 133 -15.21 -13.07 -7.57
N LEU B 134 -16.13 -12.48 -6.81
CA LEU B 134 -15.93 -12.39 -5.36
C LEU B 134 -16.60 -13.53 -4.63
N VAL B 135 -17.90 -13.72 -4.87
CA VAL B 135 -18.62 -14.80 -4.19
C VAL B 135 -18.03 -16.14 -4.59
N GLY B 136 -17.69 -16.30 -5.88
CA GLY B 136 -17.11 -17.56 -6.32
C GLY B 136 -15.77 -17.84 -5.67
N GLY B 137 -14.91 -16.82 -5.60
CA GLY B 137 -13.64 -16.99 -4.91
C GLY B 137 -13.82 -17.27 -3.42
N PHE B 138 -14.82 -16.62 -2.82
CA PHE B 138 -15.17 -16.88 -1.43
C PHE B 138 -15.54 -18.34 -1.23
N LEU B 139 -16.47 -18.84 -2.04
CA LEU B 139 -16.92 -20.21 -1.92
C LEU B 139 -15.77 -21.18 -2.13
N GLY B 140 -14.96 -20.93 -3.16
CA GLY B 140 -13.88 -21.85 -3.47
C GLY B 140 -12.88 -21.95 -2.33
N ALA B 141 -12.57 -20.81 -1.71
CA ALA B 141 -11.68 -20.81 -0.56
C ALA B 141 -12.31 -21.51 0.65
N LYS B 142 -13.61 -21.29 0.87
CA LYS B 142 -14.27 -21.94 2.00
C LYS B 142 -14.19 -23.46 1.90
N HIS B 143 -14.46 -24.01 0.72
CA HIS B 143 -14.50 -25.46 0.65
C HIS B 143 -13.10 -26.05 0.47
N ALA B 144 -12.18 -25.32 -0.15
CA ALA B 144 -10.79 -25.74 -0.07
C ALA B 144 -10.31 -25.77 1.37
N ALA B 145 -10.64 -24.74 2.15
CA ALA B 145 -10.21 -24.71 3.54
C ALA B 145 -10.82 -25.86 4.33
N ARG B 146 -12.08 -26.19 4.04
CA ARG B 146 -12.75 -27.32 4.69
C ARG B 146 -11.89 -28.58 4.69
N VAL B 147 -11.34 -28.97 3.53
CA VAL B 147 -10.52 -30.17 3.47
C VAL B 147 -9.06 -29.90 3.79
N MET B 148 -8.66 -28.64 3.85
CA MET B 148 -7.25 -28.29 3.85
C MET B 148 -6.80 -28.13 5.30
N VAL B 149 -7.70 -27.60 6.13
CA VAL B 149 -7.41 -27.47 7.56
C VAL B 149 -7.10 -28.82 8.21
N PRO B 150 -7.83 -29.91 7.96
CA PRO B 150 -7.45 -31.18 8.59
C PRO B 150 -6.13 -31.75 8.09
N GLN B 151 -5.69 -31.39 6.88
CA GLN B 151 -4.35 -31.73 6.39
C GLN B 151 -3.25 -30.91 7.04
N ARG B 152 -3.60 -29.74 7.58
CA ARG B 152 -2.62 -28.80 8.11
C ARG B 152 -1.60 -28.42 7.05
N LYS B 153 -2.07 -28.34 5.80
CA LYS B 153 -1.27 -27.90 4.69
C LYS B 153 -2.19 -27.54 3.53
N GLY B 154 -1.73 -26.64 2.68
CA GLY B 154 -2.49 -26.29 1.51
C GLY B 154 -2.10 -24.93 0.98
N CYS B 155 -2.45 -24.69 -0.27
CA CYS B 155 -2.18 -23.42 -0.92
C CYS B 155 -3.43 -22.96 -1.64
N ILE B 156 -3.97 -21.82 -1.24
CA ILE B 156 -5.17 -21.27 -1.84
C ILE B 156 -4.76 -20.04 -2.62
N LEU B 157 -5.12 -19.98 -3.90
CA LEU B 157 -4.71 -18.93 -4.79
C LEU B 157 -5.94 -18.28 -5.42
N PHE B 158 -5.79 -17.00 -5.75
CA PHE B 158 -6.81 -16.24 -6.48
C PHE B 158 -6.13 -15.55 -7.65
N THR B 159 -6.82 -15.48 -8.77
CA THR B 159 -6.41 -14.53 -9.79
C THR B 159 -7.11 -13.21 -9.46
N ALA B 160 -6.37 -12.23 -8.98
CA ALA B 160 -7.00 -10.92 -8.84
C ALA B 160 -6.78 -10.13 -10.12
N SER B 161 -6.13 -8.97 -10.05
CA SER B 161 -5.94 -8.15 -11.24
C SER B 161 -5.05 -6.98 -10.86
N ALA B 162 -4.27 -6.48 -11.83
CA ALA B 162 -3.50 -5.26 -11.58
C ALA B 162 -4.43 -4.09 -11.24
N CYS B 163 -5.69 -4.14 -11.69
CA CYS B 163 -6.66 -3.10 -11.34
CA CYS B 163 -6.55 -3.03 -11.34
C CYS B 163 -6.88 -2.99 -9.85
N ALA B 164 -6.53 -4.04 -9.08
CA ALA B 164 -6.64 -3.92 -7.63
C ALA B 164 -5.50 -3.10 -7.04
N SER B 165 -4.51 -2.71 -7.85
CA SER B 165 -3.38 -1.94 -7.34
C SER B 165 -3.37 -0.50 -7.83
N ILE B 166 -4.15 -0.16 -8.85
CA ILE B 166 -4.13 1.18 -9.42
C ILE B 166 -5.47 1.43 -10.07
N ALA B 167 -5.92 2.67 -10.04
CA ALA B 167 -7.14 3.06 -10.71
C ALA B 167 -6.83 3.39 -12.16
N GLY B 168 -7.88 3.42 -12.98
CA GLY B 168 -7.75 3.78 -14.38
C GLY B 168 -7.62 2.60 -15.32
N LEU B 169 -7.64 1.37 -14.79
CA LEU B 169 -7.37 0.19 -15.57
C LEU B 169 -8.58 -0.70 -15.80
N GLY B 170 -9.54 -0.77 -14.87
CA GLY B 170 -10.75 -1.54 -15.07
C GLY B 170 -11.99 -0.74 -14.74
N THR B 171 -13.15 -1.31 -15.10
CA THR B 171 -14.42 -0.74 -14.68
C THR B 171 -14.55 -0.77 -13.15
N HIS B 172 -15.53 0.01 -12.67
CA HIS B 172 -15.73 0.11 -11.23
C HIS B 172 -16.15 -1.24 -10.63
N ALA B 173 -17.12 -1.92 -11.25
CA ALA B 173 -17.52 -3.24 -10.76
C ALA B 173 -16.33 -4.18 -10.74
N TYR B 174 -15.57 -4.26 -11.83
CA TYR B 174 -14.43 -5.16 -11.90
C TYR B 174 -13.40 -4.81 -10.84
N THR B 175 -13.03 -3.53 -10.76
CA THR B 175 -11.99 -3.10 -9.85
C THR B 175 -12.39 -3.36 -8.41
N ALA B 176 -13.65 -3.09 -8.08
CA ALA B 176 -14.13 -3.33 -6.72
C ALA B 176 -14.05 -4.81 -6.38
N SER B 177 -14.48 -5.67 -7.31
CA SER B 177 -14.46 -7.11 -7.03
C SER B 177 -13.04 -7.61 -6.82
N LYS B 178 -12.06 -7.05 -7.53
CA LYS B 178 -10.68 -7.54 -7.40
C LYS B 178 -9.98 -6.98 -6.15
N HIS B 179 -10.33 -5.76 -5.71
CA HIS B 179 -9.87 -5.30 -4.39
C HIS B 179 -10.40 -6.22 -3.30
N ALA B 180 -11.69 -6.53 -3.35
CA ALA B 180 -12.29 -7.48 -2.41
C ALA B 180 -11.51 -8.79 -2.35
N ILE B 181 -11.06 -9.28 -3.52
CA ILE B 181 -10.32 -10.53 -3.55
C ILE B 181 -8.96 -10.37 -2.85
N VAL B 182 -8.28 -9.23 -3.10
CA VAL B 182 -7.01 -9.00 -2.42
C VAL B 182 -7.22 -8.95 -0.91
N GLY B 183 -8.20 -8.17 -0.46
CA GLY B 183 -8.52 -8.14 0.97
C GLY B 183 -8.87 -9.51 1.52
N LEU B 184 -9.66 -10.29 0.78
CA LEU B 184 -10.00 -11.65 1.22
C LEU B 184 -8.74 -12.50 1.34
N MET B 185 -7.88 -12.44 0.33
CA MET B 185 -6.62 -13.17 0.34
C MET B 185 -5.83 -12.90 1.63
N LYS B 186 -5.69 -11.61 2.00
CA LYS B 186 -4.91 -11.25 3.17
C LYS B 186 -5.61 -11.67 4.46
N ASN B 187 -6.94 -11.49 4.55
CA ASN B 187 -7.67 -11.99 5.71
C ASN B 187 -7.56 -13.49 5.83
N LEU B 188 -7.66 -14.20 4.71
CA LEU B 188 -7.55 -15.66 4.78
C LEU B 188 -6.12 -16.07 5.11
N ALA B 189 -5.12 -15.32 4.63
CA ALA B 189 -3.74 -15.65 5.00
C ALA B 189 -3.58 -15.57 6.51
N ALA B 190 -4.29 -14.61 7.13
CA ALA B 190 -4.20 -14.45 8.57
C ALA B 190 -4.90 -15.60 9.30
N GLU B 191 -6.12 -15.96 8.89
CA GLU B 191 -6.83 -17.03 9.60
C GLU B 191 -6.14 -18.38 9.39
N LEU B 192 -5.92 -18.76 8.13
CA LEU B 192 -5.50 -20.12 7.79
C LEU B 192 -4.00 -20.36 8.00
N GLY B 193 -3.21 -19.30 8.20
CA GLY B 193 -1.82 -19.49 8.58
C GLY B 193 -1.68 -20.26 9.88
N GLN B 194 -2.65 -20.14 10.77
CA GLN B 194 -2.59 -20.90 12.01
C GLN B 194 -2.62 -22.40 11.74
N HIS B 195 -3.13 -22.81 10.58
CA HIS B 195 -3.22 -24.20 10.18
C HIS B 195 -2.16 -24.60 9.14
N GLY B 196 -1.18 -23.75 8.89
CA GLY B 196 -0.13 -24.08 7.93
C GLY B 196 -0.49 -23.83 6.49
N ILE B 197 -1.62 -23.20 6.23
CA ILE B 197 -2.10 -22.99 4.87
C ILE B 197 -1.65 -21.62 4.39
N ARG B 198 -1.11 -21.58 3.16
CA ARG B 198 -0.71 -20.35 2.49
C ARG B 198 -1.86 -19.86 1.60
N VAL B 199 -1.99 -18.53 1.52
CA VAL B 199 -3.00 -17.86 0.69
C VAL B 199 -2.34 -16.69 -0.04
N ASN B 200 -2.46 -16.63 -1.37
CA ASN B 200 -1.79 -15.61 -2.17
C ASN B 200 -2.67 -15.31 -3.40
N CYS B 201 -2.31 -14.25 -4.14
CA CYS B 201 -2.98 -14.03 -5.40
CA CYS B 201 -3.00 -13.80 -5.34
C CYS B 201 -1.99 -13.60 -6.47
N VAL B 202 -2.42 -13.76 -7.71
CA VAL B 202 -1.69 -13.31 -8.89
CA VAL B 202 -1.68 -13.29 -8.88
C VAL B 202 -2.53 -12.24 -9.57
N SER B 203 -1.94 -11.08 -9.83
CA SER B 203 -2.66 -9.92 -10.35
C SER B 203 -2.12 -9.52 -11.73
N PRO B 204 -2.71 -10.04 -12.80
CA PRO B 204 -2.19 -9.72 -14.13
C PRO B 204 -2.65 -8.37 -14.66
N TYR B 205 -1.84 -7.83 -15.56
CA TYR B 205 -2.10 -6.59 -16.27
C TYR B 205 -3.24 -6.81 -17.24
N GLY B 206 -2.97 -7.50 -18.35
CA GLY B 206 -3.95 -7.70 -19.40
C GLY B 206 -5.33 -8.16 -18.94
N VAL B 223 -8.82 -3.34 -26.99
CA VAL B 223 -8.32 -2.86 -25.70
C VAL B 223 -6.96 -3.49 -25.38
N GLU B 224 -6.78 -4.75 -25.78
CA GLU B 224 -5.50 -5.42 -25.52
C GLU B 224 -4.37 -4.80 -26.31
N ALA B 225 -4.64 -4.31 -27.53
CA ALA B 225 -3.62 -3.62 -28.29
C ALA B 225 -3.18 -2.32 -27.63
N MET B 226 -4.10 -1.64 -26.95
CA MET B 226 -3.75 -0.39 -26.28
CA MET B 226 -3.79 -0.40 -26.26
C MET B 226 -2.99 -0.64 -24.98
N LEU B 227 -3.39 -1.67 -24.21
CA LEU B 227 -2.67 -2.06 -23.01
C LEU B 227 -1.21 -2.36 -23.31
N SER B 228 -0.94 -3.00 -24.45
CA SER B 228 0.44 -3.33 -24.79
C SER B 228 1.25 -2.09 -25.15
N GLU B 229 0.63 -1.10 -25.79
CA GLU B 229 1.36 0.10 -26.16
CA GLU B 229 1.33 0.12 -26.17
C GLU B 229 1.59 1.03 -24.98
N VAL B 230 0.67 1.08 -24.02
CA VAL B 230 0.79 2.01 -22.89
C VAL B 230 1.41 1.37 -21.66
N GLY B 231 1.85 0.11 -21.74
CA GLY B 231 2.48 -0.51 -20.59
C GLY B 231 3.76 0.20 -20.18
N ASN B 232 4.16 -0.04 -18.92
CA ASN B 232 5.38 0.58 -18.40
C ASN B 232 6.65 -0.12 -18.89
N LEU B 233 6.60 -1.44 -19.08
CA LEU B 233 7.78 -2.20 -19.47
C LEU B 233 7.83 -2.30 -20.99
N LYS B 234 8.69 -1.50 -21.62
CA LYS B 234 8.83 -1.57 -23.08
C LYS B 234 9.64 -2.79 -23.49
N GLY B 235 9.38 -3.28 -24.71
CA GLY B 235 10.08 -4.42 -25.22
C GLY B 235 9.54 -5.77 -24.79
N ALA B 236 8.36 -5.80 -24.16
CA ALA B 236 7.74 -7.05 -23.74
C ALA B 236 6.23 -6.86 -23.71
N VAL B 237 5.50 -7.96 -23.90
CA VAL B 237 4.05 -7.95 -23.76
C VAL B 237 3.64 -9.10 -22.85
N LEU B 238 2.67 -8.83 -21.97
CA LEU B 238 2.10 -9.88 -21.13
C LEU B 238 1.52 -11.00 -21.99
N LYS B 239 1.87 -12.23 -21.63
CA LYS B 239 1.29 -13.44 -22.21
C LYS B 239 0.78 -14.31 -21.07
N VAL B 240 -0.23 -15.13 -21.35
CA VAL B 240 -0.86 -15.86 -20.25
C VAL B 240 0.16 -16.74 -19.54
N GLU B 241 1.21 -17.21 -20.24
CA GLU B 241 2.23 -17.99 -19.55
C GLU B 241 2.92 -17.21 -18.45
N ASP B 242 3.07 -15.88 -18.60
CA ASP B 242 3.62 -15.09 -17.51
C ASP B 242 2.80 -15.27 -16.24
N VAL B 243 1.47 -15.31 -16.38
CA VAL B 243 0.61 -15.45 -15.20
C VAL B 243 0.70 -16.87 -14.68
N ALA B 244 0.60 -17.85 -15.57
CA ALA B 244 0.81 -19.25 -15.17
C ALA B 244 2.10 -19.42 -14.38
N GLN B 245 3.19 -18.80 -14.85
CA GLN B 245 4.47 -18.93 -14.17
C GLN B 245 4.43 -18.33 -12.76
N ALA B 246 3.76 -17.18 -12.60
CA ALA B 246 3.62 -16.62 -11.26
C ALA B 246 2.85 -17.57 -10.35
N ALA B 247 1.78 -18.17 -10.89
CA ALA B 247 0.99 -19.15 -10.12
C ALA B 247 1.79 -20.39 -9.80
N LEU B 248 2.61 -20.86 -10.75
CA LEU B 248 3.48 -22.00 -10.48
C LEU B 248 4.41 -21.71 -9.33
N TYR B 249 5.05 -20.53 -9.36
CA TYR B 249 5.98 -20.17 -8.29
C TYR B 249 5.27 -20.22 -6.94
N LEU B 250 4.10 -19.56 -6.84
CA LEU B 250 3.35 -19.53 -5.58
C LEU B 250 2.88 -20.91 -5.15
N ALA B 251 2.55 -21.79 -6.09
CA ALA B 251 2.06 -23.12 -5.74
C ALA B 251 3.17 -24.05 -5.31
N SER B 252 4.41 -23.76 -5.71
CA SER B 252 5.53 -24.67 -5.50
C SER B 252 6.00 -24.62 -4.05
N ASP B 253 6.70 -25.69 -3.64
CA ASP B 253 7.30 -25.68 -2.32
C ASP B 253 8.45 -24.67 -2.23
N GLU B 254 8.93 -24.16 -3.35
CA GLU B 254 9.91 -23.07 -3.34
C GLU B 254 9.34 -21.81 -2.71
N ALA B 255 8.00 -21.68 -2.64
CA ALA B 255 7.34 -20.54 -2.03
C ALA B 255 6.72 -20.92 -0.68
N ASN B 256 7.37 -21.84 0.05
CA ASN B 256 6.83 -22.39 1.29
CA ASN B 256 6.73 -22.37 1.25
C ASN B 256 6.67 -21.35 2.39
N TYR B 257 7.31 -20.18 2.27
CA TYR B 257 7.10 -19.15 3.28
C TYR B 257 6.47 -17.89 2.68
N VAL B 258 5.81 -18.04 1.53
CA VAL B 258 5.11 -16.93 0.89
C VAL B 258 3.62 -17.08 1.19
N SER B 259 3.09 -16.15 1.99
CA SER B 259 1.65 -16.09 2.25
C SER B 259 1.24 -14.64 2.39
N GLY B 260 0.00 -14.35 2.03
CA GLY B 260 -0.46 -12.99 2.05
C GLY B 260 0.00 -12.13 0.90
N LEU B 261 0.70 -12.71 -0.09
CA LEU B 261 1.35 -11.94 -1.15
C LEU B 261 0.39 -11.68 -2.29
N ASN B 262 0.31 -10.42 -2.72
CA ASN B 262 -0.36 -10.03 -3.96
C ASN B 262 0.71 -9.94 -5.05
N LEU B 263 0.87 -11.01 -5.83
CA LEU B 263 1.95 -11.09 -6.80
C LEU B 263 1.48 -10.40 -8.08
N VAL B 264 1.85 -9.14 -8.24
CA VAL B 264 1.43 -8.37 -9.40
C VAL B 264 2.33 -8.70 -10.59
N VAL B 265 1.71 -8.89 -11.75
CA VAL B 265 2.41 -9.20 -12.99
C VAL B 265 1.96 -8.17 -14.00
N ASP B 266 2.56 -6.98 -13.97
CA ASP B 266 2.09 -5.90 -14.83
C ASP B 266 3.22 -5.03 -15.34
N GLY B 267 4.47 -5.51 -15.28
CA GLY B 267 5.58 -4.74 -15.81
C GLY B 267 5.78 -3.38 -15.15
N GLY B 268 5.20 -3.15 -13.97
CA GLY B 268 5.31 -1.88 -13.28
C GLY B 268 4.16 -0.91 -13.53
N PHE B 269 3.15 -1.29 -14.30
CA PHE B 269 2.10 -0.33 -14.67
C PHE B 269 1.46 0.30 -13.44
N SER B 270 1.23 -0.50 -12.39
CA SER B 270 0.48 -0.02 -11.22
C SER B 270 1.34 0.71 -10.20
N VAL B 271 2.65 0.89 -10.43
CA VAL B 271 3.45 1.64 -9.48
C VAL B 271 3.68 3.06 -9.92
N VAL B 272 3.19 3.45 -11.10
CA VAL B 272 3.57 4.70 -11.74
C VAL B 272 2.32 5.41 -12.26
N ASN B 273 2.29 6.73 -12.09
CA ASN B 273 1.49 7.66 -12.87
C ASN B 273 2.43 8.35 -13.81
N PRO B 274 2.49 7.96 -15.09
CA PRO B 274 3.51 8.51 -15.99
C PRO B 274 3.12 9.83 -16.63
N SER B 275 2.08 10.50 -16.10
CA SER B 275 1.56 11.73 -16.73
C SER B 275 2.64 12.79 -16.90
N MET B 276 3.52 12.91 -15.93
CA MET B 276 4.50 13.99 -15.94
C MET B 276 5.80 13.59 -16.63
N MET B 277 6.21 12.33 -16.50
CA MET B 277 7.24 11.78 -17.38
C MET B 277 6.94 12.12 -18.83
N MET B 278 5.72 11.83 -19.29
CA MET B 278 5.30 12.05 -20.67
C MET B 278 5.12 13.52 -21.01
N ALA B 279 5.05 14.40 -20.01
CA ALA B 279 4.96 15.84 -20.25
C ALA B 279 6.31 16.53 -20.28
N LEU B 280 7.39 15.84 -19.89
CA LEU B 280 8.73 16.41 -19.96
C LEU B 280 9.14 16.59 -21.41
N MET C 21 -13.59 28.36 16.34
CA MET C 21 -12.26 28.92 16.10
C MET C 21 -11.29 28.53 17.21
N LYS C 22 -10.01 28.79 16.99
CA LYS C 22 -8.94 28.44 17.92
C LYS C 22 -8.94 26.93 18.21
N ARG C 23 -8.64 26.17 17.16
N ARG C 23 -8.63 26.18 17.16
CA ARG C 23 -8.52 24.73 17.27
CA ARG C 23 -8.52 24.73 17.27
C ARG C 23 -7.22 24.29 17.94
C ARG C 23 -7.24 24.30 17.96
N LEU C 24 -6.29 25.20 18.16
CA LEU C 24 -5.03 24.89 18.81
C LEU C 24 -4.80 25.80 20.01
N GLU C 25 -5.88 26.17 20.73
CA GLU C 25 -5.75 27.12 21.83
C GLU C 25 -4.79 26.59 22.89
N GLY C 26 -3.80 27.40 23.24
CA GLY C 26 -2.83 27.03 24.26
C GLY C 26 -1.81 25.97 23.85
N LYS C 27 -1.80 25.56 22.59
CA LYS C 27 -0.87 24.52 22.19
C LYS C 27 0.43 25.17 21.74
N VAL C 28 1.54 24.45 21.92
CA VAL C 28 2.87 24.93 21.58
C VAL C 28 3.38 24.07 20.44
N ALA C 29 3.73 24.70 19.31
CA ALA C 29 4.14 23.99 18.11
C ALA C 29 5.48 24.49 17.60
N ILE C 30 6.29 23.55 17.12
CA ILE C 30 7.53 23.84 16.41
C ILE C 30 7.32 23.45 14.96
N ILE C 31 7.68 24.34 14.03
CA ILE C 31 7.58 24.06 12.60
C ILE C 31 8.92 24.31 11.94
N THR C 32 9.60 23.22 11.56
CA THR C 32 10.82 23.33 10.77
C THR C 32 10.46 23.73 9.35
N GLY C 33 11.43 24.35 8.67
CA GLY C 33 11.14 24.96 7.38
C GLY C 33 10.02 25.98 7.45
N GLY C 34 9.82 26.62 8.60
CA GLY C 34 8.69 27.49 8.81
C GLY C 34 8.75 28.86 8.20
N ALA C 35 9.88 29.26 7.59
CA ALA C 35 10.04 30.63 7.10
C ALA C 35 9.51 30.84 5.70
N SER C 36 9.12 29.77 4.99
CA SER C 36 8.59 29.90 3.64
C SER C 36 7.69 28.72 3.35
N GLY C 37 7.05 28.77 2.18
CA GLY C 37 6.37 27.60 1.66
C GLY C 37 5.26 27.12 2.55
N ILE C 38 5.05 25.80 2.53
CA ILE C 38 4.05 25.16 3.37
C ILE C 38 4.30 25.49 4.84
N GLY C 39 5.57 25.49 5.24
CA GLY C 39 5.89 25.78 6.63
C GLY C 39 5.36 27.13 7.07
N ALA C 40 5.53 28.14 6.23
CA ALA C 40 5.07 29.49 6.58
C ALA C 40 3.55 29.55 6.60
N SER C 41 2.90 28.85 5.67
CA SER C 41 1.45 28.74 5.70
C SER C 41 0.99 28.09 7.01
N ALA C 42 1.66 27.01 7.41
CA ALA C 42 1.29 26.35 8.65
C ALA C 42 1.55 27.25 9.86
N VAL C 43 2.62 28.04 9.81
CA VAL C 43 2.91 28.96 10.91
C VAL C 43 1.75 29.91 11.10
N ARG C 44 1.31 30.56 10.02
N ARG C 44 1.33 30.56 10.02
CA ARG C 44 0.20 31.49 10.12
CA ARG C 44 0.20 31.49 10.12
C ARG C 44 -1.05 30.78 10.61
C ARG C 44 -1.05 30.78 10.61
N LEU C 45 -1.42 29.66 9.96
CA LEU C 45 -2.64 28.95 10.30
C LEU C 45 -2.66 28.50 11.77
N PHE C 46 -1.56 27.92 12.25
CA PHE C 46 -1.52 27.50 13.65
C PHE C 46 -1.65 28.70 14.57
N TRP C 47 -1.02 29.80 14.19
CA TRP C 47 -1.07 31.01 15.03
C TRP C 47 -2.48 31.59 15.08
N GLU C 48 -3.19 31.61 13.95
CA GLU C 48 -4.60 32.02 13.98
C GLU C 48 -5.43 31.12 14.87
N ASN C 49 -5.04 29.85 15.00
CA ASN C 49 -5.80 28.96 15.85
C ASN C 49 -5.28 28.92 17.28
N GLY C 50 -4.52 29.94 17.69
CA GLY C 50 -4.17 30.11 19.09
C GLY C 50 -2.93 29.39 19.56
N ALA C 51 -2.18 28.79 18.66
CA ALA C 51 -0.97 28.10 19.08
C ALA C 51 0.16 29.10 19.29
N LYS C 52 1.03 28.80 20.24
CA LYS C 52 2.36 29.37 20.24
C LYS C 52 3.18 28.61 19.21
N VAL C 53 3.92 29.34 18.38
CA VAL C 53 4.59 28.75 17.21
C VAL C 53 6.07 29.14 17.23
N VAL C 54 6.94 28.15 17.21
CA VAL C 54 8.38 28.37 17.08
C VAL C 54 8.78 28.04 15.65
N ILE C 55 9.28 29.03 14.92
CA ILE C 55 9.73 28.83 13.54
C ILE C 55 11.19 28.37 13.56
N ALA C 56 11.47 27.26 12.90
CA ALA C 56 12.84 26.78 12.77
C ALA C 56 13.21 26.74 11.29
N ASP C 57 14.27 27.47 10.92
CA ASP C 57 14.63 27.61 9.51
C ASP C 57 16.05 28.16 9.42
N ILE C 58 16.51 28.35 8.18
CA ILE C 58 17.81 28.98 7.95
C ILE C 58 17.67 30.24 7.11
N GLN C 59 16.45 30.72 6.89
CA GLN C 59 16.21 32.01 6.25
C GLN C 59 15.77 32.99 7.33
N ASP C 60 16.78 33.61 7.97
CA ASP C 60 16.55 34.39 9.18
C ASP C 60 15.71 35.63 8.91
N ASP C 61 16.01 36.36 7.84
CA ASP C 61 15.23 37.54 7.51
CA ASP C 61 15.23 37.54 7.51
C ASP C 61 13.76 37.18 7.28
N LEU C 62 13.49 36.12 6.52
CA LEU C 62 12.11 35.74 6.27
C LEU C 62 11.39 35.36 7.55
N GLY C 63 12.07 34.62 8.43
CA GLY C 63 11.42 34.17 9.64
C GLY C 63 11.16 35.31 10.61
N GLN C 64 12.13 36.20 10.79
CA GLN C 64 11.93 37.34 11.67
C GLN C 64 10.82 38.25 11.15
N ALA C 65 10.70 38.37 9.82
CA ALA C 65 9.60 39.14 9.25
C ALA C 65 8.25 38.60 9.72
N ILE C 66 8.08 37.27 9.67
CA ILE C 66 6.84 36.66 10.13
C ILE C 66 6.65 36.91 11.61
N CYS C 67 7.73 36.78 12.39
CA CYS C 67 7.64 37.04 13.83
C CYS C 67 7.22 38.49 14.09
N ASP C 68 7.86 39.43 13.41
CA ASP C 68 7.49 40.83 13.58
C ASP C 68 6.04 41.06 13.18
N LYS C 69 5.55 40.28 12.21
CA LYS C 69 4.19 40.49 11.75
C LYS C 69 3.16 39.93 12.73
N LEU C 70 3.42 38.75 13.31
CA LEU C 70 2.42 38.04 14.08
C LEU C 70 2.49 38.31 15.58
N GLY C 71 3.63 38.75 16.10
CA GLY C 71 3.73 39.20 17.48
C GLY C 71 4.38 38.20 18.42
N LYS C 72 4.03 38.32 19.70
CA LYS C 72 4.71 37.57 20.76
C LYS C 72 4.50 36.06 20.64
N ASN C 73 3.34 35.60 20.16
CA ASN C 73 3.11 34.15 20.14
C ASN C 73 3.95 33.41 19.10
N VAL C 74 4.70 34.11 18.24
CA VAL C 74 5.49 33.47 17.20
C VAL C 74 6.95 33.89 17.35
N SER C 75 7.83 32.90 17.34
CA SER C 75 9.25 33.10 17.62
C SER C 75 10.07 32.36 16.57
N TYR C 76 11.30 32.84 16.34
CA TYR C 76 12.24 32.31 15.34
C TYR C 76 13.54 31.80 15.92
N ILE C 77 13.95 30.60 15.48
CA ILE C 77 15.22 30.00 15.87
C ILE C 77 15.93 29.51 14.61
N HIS C 78 17.16 29.98 14.41
CA HIS C 78 17.96 29.51 13.29
C HIS C 78 18.35 28.05 13.56
N CYS C 79 17.95 27.16 12.65
CA CYS C 79 18.11 25.73 12.87
C CYS C 79 18.37 25.01 11.56
N ASP C 80 19.54 24.37 11.48
CA ASP C 80 19.87 23.39 10.46
C ASP C 80 19.33 22.03 10.94
N VAL C 81 18.25 21.54 10.31
CA VAL C 81 17.60 20.36 10.86
C VAL C 81 18.49 19.11 10.78
N SER C 82 19.55 19.13 9.97
CA SER C 82 20.50 18.02 9.94
C SER C 82 21.49 18.07 11.09
N ASN C 83 21.55 19.18 11.82
CA ASN C 83 22.45 19.35 12.96
C ASN C 83 21.73 19.00 14.25
N GLU C 84 22.23 18.01 14.98
CA GLU C 84 21.53 17.59 16.20
C GLU C 84 21.61 18.66 17.27
N ASP C 85 22.75 19.36 17.37
CA ASP C 85 22.84 20.48 18.31
C ASP C 85 21.72 21.47 18.07
N ASP C 86 21.52 21.85 16.80
CA ASP C 86 20.45 22.77 16.46
C ASP C 86 19.09 22.24 16.89
N ILE C 87 18.79 20.95 16.61
CA ILE C 87 17.51 20.39 16.99
C ILE C 87 17.38 20.33 18.51
N ARG C 88 18.45 19.94 19.20
N ARG C 88 18.45 19.93 19.20
CA ARG C 88 18.39 19.87 20.66
CA ARG C 88 18.43 19.87 20.65
C ARG C 88 18.10 21.25 21.26
C ARG C 88 18.12 21.24 21.25
N ASN C 89 18.74 22.29 20.71
CA ASN C 89 18.49 23.65 21.21
CA ASN C 89 18.49 23.64 21.23
C ASN C 89 17.09 24.13 20.86
N LEU C 90 16.63 23.81 19.65
CA LEU C 90 15.31 24.26 19.24
C LEU C 90 14.22 23.70 20.15
N VAL C 91 14.34 22.42 20.52
CA VAL C 91 13.36 21.82 21.41
C VAL C 91 13.48 22.39 22.82
N ASP C 92 14.71 22.41 23.35
CA ASP C 92 14.90 22.82 24.75
C ASP C 92 14.58 24.29 24.95
N THR C 93 14.92 25.14 23.98
CA THR C 93 14.56 26.55 24.09
C THR C 93 13.05 26.72 24.06
N THR C 94 12.38 26.01 23.16
CA THR C 94 10.93 26.03 23.09
C THR C 94 10.32 25.63 24.44
N VAL C 95 10.83 24.55 25.03
CA VAL C 95 10.33 24.11 26.33
C VAL C 95 10.61 25.16 27.40
N ALA C 96 11.82 25.73 27.38
CA ALA C 96 12.14 26.79 28.35
C ALA C 96 11.23 27.98 28.18
N LYS C 97 10.83 28.29 26.95
CA LYS C 97 9.94 29.44 26.75
C LYS C 97 8.53 29.15 27.24
N TYR C 98 7.99 27.97 26.94
CA TYR C 98 6.57 27.73 27.15
C TYR C 98 6.24 26.56 28.05
N GLY C 99 7.23 25.82 28.54
CA GLY C 99 6.97 24.77 29.51
C GLY C 99 6.42 23.48 28.95
N LYS C 100 6.18 23.39 27.64
CA LYS C 100 5.66 22.17 27.05
C LYS C 100 5.87 22.23 25.55
N LEU C 101 5.72 21.06 24.92
CA LEU C 101 5.76 20.92 23.47
C LEU C 101 4.60 20.01 23.08
N ASP C 102 3.63 20.54 22.35
CA ASP C 102 2.50 19.73 21.91
C ASP C 102 2.67 19.20 20.50
N ILE C 103 3.15 20.02 19.56
CA ILE C 103 3.27 19.63 18.16
C ILE C 103 4.68 19.86 17.66
N MET C 104 5.25 18.82 17.06
CA MET C 104 6.53 18.91 16.36
C MET C 104 6.27 18.63 14.89
N PHE C 105 6.29 19.67 14.07
CA PHE C 105 6.03 19.54 12.62
C PHE C 105 7.35 19.58 11.87
N ASN C 106 7.88 18.39 11.56
CA ASN C 106 9.10 18.21 10.79
C ASN C 106 8.77 18.42 9.31
N ASN C 107 8.66 19.70 8.94
CA ASN C 107 8.22 20.07 7.61
C ASN C 107 9.37 20.38 6.65
N ALA C 108 10.55 20.77 7.16
CA ALA C 108 11.67 21.13 6.32
C ALA C 108 12.00 20.01 5.34
N GLY C 109 12.24 20.38 4.08
CA GLY C 109 12.57 19.40 3.05
C GLY C 109 13.18 20.06 1.84
N ILE C 110 14.07 19.34 1.17
CA ILE C 110 14.70 19.80 -0.05
C ILE C 110 14.62 18.73 -1.13
N ILE C 111 14.71 19.16 -2.39
CA ILE C 111 14.93 18.27 -3.52
C ILE C 111 16.36 18.44 -4.01
N ASP C 112 16.83 17.44 -4.75
CA ASP C 112 18.06 17.62 -5.53
C ASP C 112 17.77 18.25 -6.87
N ARG C 113 16.72 17.78 -7.53
CA ARG C 113 16.31 18.23 -8.85
C ARG C 113 14.82 18.03 -8.93
N PRO C 114 14.11 18.80 -9.75
CA PRO C 114 12.68 18.52 -9.97
C PRO C 114 12.43 17.19 -10.65
N TYR C 115 13.37 16.74 -11.49
CA TYR C 115 13.30 15.46 -12.17
C TYR C 115 14.71 15.09 -12.57
N GLY C 116 14.92 13.84 -12.94
CA GLY C 116 16.22 13.46 -13.47
C GLY C 116 16.49 11.98 -13.30
N SER C 117 17.41 11.51 -14.12
CA SER C 117 17.70 10.08 -14.25
C SER C 117 18.59 9.58 -13.12
N ILE C 118 18.48 8.28 -12.84
CA ILE C 118 19.41 7.68 -11.88
C ILE C 118 20.84 7.76 -12.40
N LEU C 119 21.02 7.78 -13.73
CA LEU C 119 22.36 7.72 -14.30
C LEU C 119 23.18 8.97 -13.99
N ASP C 120 22.56 10.14 -13.82
CA ASP C 120 23.28 11.37 -13.52
CA ASP C 120 23.33 11.34 -13.51
C ASP C 120 23.07 11.84 -12.09
N THR C 121 22.50 10.99 -11.24
CA THR C 121 22.36 11.33 -9.84
C THR C 121 23.70 11.15 -9.13
N GLU C 122 24.10 12.16 -8.36
CA GLU C 122 25.35 12.14 -7.61
C GLU C 122 25.13 11.57 -6.22
N LYS C 123 26.11 10.81 -5.73
CA LYS C 123 26.07 10.35 -4.34
C LYS C 123 25.90 11.51 -3.36
N SER C 124 26.67 12.60 -3.55
CA SER C 124 26.59 13.73 -2.62
C SER C 124 25.18 14.34 -2.60
N ASP C 125 24.51 14.37 -3.75
CA ASP C 125 23.13 14.87 -3.81
C ASP C 125 22.19 14.00 -2.98
N LEU C 126 22.30 12.68 -3.14
CA LEU C 126 21.48 11.78 -2.33
C LEU C 126 21.77 11.98 -0.86
N GLU C 127 23.04 12.14 -0.51
CA GLU C 127 23.38 12.28 0.91
C GLU C 127 22.86 13.59 1.45
N ARG C 128 22.98 14.67 0.68
CA ARG C 128 22.43 15.96 1.10
C ARG C 128 20.93 15.87 1.30
N VAL C 129 20.21 15.22 0.38
CA VAL C 129 18.77 15.15 0.50
C VAL C 129 18.37 14.30 1.70
N LEU C 130 19.04 13.15 1.87
CA LEU C 130 18.81 12.33 3.06
C LEU C 130 19.05 13.12 4.34
N GLY C 131 20.12 13.94 4.36
CA GLY C 131 20.49 14.67 5.56
C GLY C 131 19.41 15.62 6.03
N VAL C 132 18.84 16.40 5.12
CA VAL C 132 17.76 17.30 5.49
C VAL C 132 16.47 16.53 5.71
N ASN C 133 16.06 15.72 4.73
CA ASN C 133 14.70 15.17 4.74
C ASN C 133 14.55 14.04 5.76
N LEU C 134 15.46 13.07 5.75
CA LEU C 134 15.32 11.90 6.63
C LEU C 134 16.01 12.10 7.97
N VAL C 135 17.31 12.40 7.95
CA VAL C 135 18.03 12.56 9.21
C VAL C 135 17.41 13.69 10.03
N GLY C 136 17.04 14.79 9.36
CA GLY C 136 16.41 15.90 10.07
C GLY C 136 15.07 15.51 10.67
N GLY C 137 14.28 14.71 9.95
CA GLY C 137 13.05 14.20 10.52
C GLY C 137 13.31 13.30 11.71
N PHE C 138 14.26 12.38 11.56
CA PHE C 138 14.69 11.51 12.64
C PHE C 138 15.06 12.31 13.89
N LEU C 139 15.95 13.30 13.71
CA LEU C 139 16.43 14.09 14.84
C LEU C 139 15.29 14.87 15.48
N GLY C 140 14.45 15.50 14.67
CA GLY C 140 13.31 16.20 15.22
C GLY C 140 12.40 15.30 16.04
N ALA C 141 12.10 14.11 15.51
CA ALA C 141 11.24 13.19 16.26
C ALA C 141 11.93 12.70 17.53
N LYS C 142 13.23 12.45 17.48
CA LYS C 142 13.95 12.01 18.67
C LYS C 142 13.81 13.01 19.80
N HIS C 143 14.11 14.28 19.52
CA HIS C 143 14.12 15.28 20.58
C HIS C 143 12.72 15.73 20.98
N ALA C 144 11.74 15.61 20.09
CA ALA C 144 10.36 15.84 20.50
C ALA C 144 9.90 14.72 21.45
N ALA C 145 10.17 13.47 21.07
CA ALA C 145 9.86 12.33 21.94
C ALA C 145 10.52 12.46 23.31
N ARG C 146 11.71 13.06 23.37
CA ARG C 146 12.39 13.18 24.66
C ARG C 146 11.56 13.96 25.66
N VAL C 147 10.88 15.02 25.22
CA VAL C 147 10.04 15.81 26.11
C VAL C 147 8.57 15.41 26.06
N MET C 148 8.12 14.77 24.96
CA MET C 148 6.70 14.38 24.90
C MET C 148 6.41 13.13 25.72
N VAL C 149 7.32 12.13 25.73
CA VAL C 149 7.05 10.91 26.48
C VAL C 149 6.76 11.20 27.96
N PRO C 150 7.55 12.02 28.68
CA PRO C 150 7.15 12.35 30.06
C PRO C 150 5.78 12.99 30.15
N GLN C 151 5.43 13.84 29.18
CA GLN C 151 4.10 14.43 29.09
C GLN C 151 3.00 13.39 28.91
N ARG C 152 3.35 12.22 28.39
CA ARG C 152 2.38 11.24 27.91
C ARG C 152 1.37 11.91 26.97
N LYS C 153 1.87 12.81 26.13
CA LYS C 153 1.05 13.45 25.10
C LYS C 153 1.96 14.18 24.13
N GLY C 154 1.44 14.43 22.96
CA GLY C 154 2.18 15.11 21.91
C GLY C 154 1.79 14.58 20.55
N CYS C 155 2.10 15.38 19.53
CA CYS C 155 1.82 15.04 18.14
C CYS C 155 3.04 15.35 17.30
N ILE C 156 3.57 14.36 16.59
CA ILE C 156 4.74 14.50 15.73
C ILE C 156 4.29 14.34 14.28
N LEU C 157 4.59 15.34 13.46
CA LEU C 157 4.14 15.40 12.09
C LEU C 157 5.34 15.47 11.16
N PHE C 158 5.19 14.91 9.96
CA PHE C 158 6.22 15.04 8.93
C PHE C 158 5.56 15.58 7.67
N THR C 159 6.28 16.39 6.92
CA THR C 159 5.86 16.68 5.56
C THR C 159 6.55 15.64 4.69
N ALA C 160 5.79 14.64 4.22
CA ALA C 160 6.42 13.71 3.28
C ALA C 160 6.21 14.27 1.88
N SER C 161 5.46 13.55 1.04
CA SER C 161 5.25 13.95 -0.35
C SER C 161 4.41 12.92 -1.08
N ALA C 162 3.63 13.37 -2.07
CA ALA C 162 2.87 12.45 -2.90
C ALA C 162 3.77 11.46 -3.63
N CYS C 163 5.04 11.82 -3.84
CA CYS C 163 6.01 10.91 -4.45
CA CYS C 163 5.91 10.86 -4.50
C CYS C 163 6.21 9.65 -3.64
N ALA C 164 5.91 9.69 -2.34
CA ALA C 164 6.02 8.48 -1.56
C ALA C 164 4.86 7.54 -1.82
N SER C 165 3.89 7.94 -2.64
CA SER C 165 2.74 7.11 -2.95
C SER C 165 2.72 6.61 -4.38
N ILE C 166 3.50 7.20 -5.29
CA ILE C 166 3.45 6.78 -6.68
C ILE C 166 4.79 7.13 -7.30
N ALA C 167 5.23 6.30 -8.25
CA ALA C 167 6.43 6.65 -8.97
C ALA C 167 6.10 7.59 -10.12
N GLY C 168 7.15 8.23 -10.67
CA GLY C 168 7.00 9.14 -11.77
C GLY C 168 6.88 10.60 -11.38
N LEU C 169 6.92 10.90 -10.09
CA LEU C 169 6.66 12.24 -9.59
C LEU C 169 7.90 12.96 -9.07
N GLY C 170 8.80 12.28 -8.35
CA GLY C 170 10.01 12.88 -7.86
C GLY C 170 11.24 12.16 -8.40
N THR C 171 12.41 12.71 -8.11
CA THR C 171 13.63 12.00 -8.46
C THR C 171 13.80 10.78 -7.56
N HIS C 172 14.82 9.97 -7.87
CA HIS C 172 15.03 8.76 -7.08
C HIS C 172 15.52 9.11 -5.69
N ALA C 173 16.42 10.09 -5.56
CA ALA C 173 16.90 10.46 -4.23
C ALA C 173 15.77 11.03 -3.40
N TYR C 174 15.00 11.95 -3.96
CA TYR C 174 13.91 12.57 -3.22
C TYR C 174 12.86 11.54 -2.83
N THR C 175 12.42 10.71 -3.80
CA THR C 175 11.39 9.70 -3.55
C THR C 175 11.83 8.73 -2.45
N ALA C 176 13.09 8.28 -2.51
CA ALA C 176 13.59 7.38 -1.47
C ALA C 176 13.49 8.01 -0.10
N SER C 177 13.91 9.28 0.01
CA SER C 177 13.91 9.94 1.31
C SER C 177 12.48 10.09 1.85
N LYS C 178 11.52 10.34 0.96
CA LYS C 178 10.15 10.53 1.43
C LYS C 178 9.47 9.20 1.78
N HIS C 179 9.74 8.14 1.01
CA HIS C 179 9.37 6.79 1.46
C HIS C 179 9.96 6.50 2.84
N ALA C 180 11.23 6.86 3.05
CA ALA C 180 11.86 6.65 4.36
C ALA C 180 11.10 7.38 5.47
N ILE C 181 10.64 8.61 5.18
CA ILE C 181 9.90 9.35 6.19
C ILE C 181 8.57 8.67 6.50
N VAL C 182 7.86 8.19 5.47
CA VAL C 182 6.60 7.47 5.71
C VAL C 182 6.86 6.24 6.59
N GLY C 183 7.93 5.51 6.31
CA GLY C 183 8.26 4.36 7.14
C GLY C 183 8.61 4.75 8.57
N LEU C 184 9.42 5.79 8.72
CA LEU C 184 9.71 6.27 10.07
C LEU C 184 8.43 6.68 10.78
N MET C 185 7.52 7.34 10.07
CA MET C 185 6.34 7.85 10.74
C MET C 185 5.50 6.69 11.25
N LYS C 186 5.38 5.62 10.46
CA LYS C 186 4.59 4.47 10.91
C LYS C 186 5.28 3.76 12.06
N ASN C 187 6.61 3.57 11.95
CA ASN C 187 7.36 2.90 13.02
C ASN C 187 7.31 3.69 14.32
N LEU C 188 7.35 5.03 14.23
CA LEU C 188 7.23 5.84 15.43
C LEU C 188 5.80 5.82 15.97
N ALA C 189 4.80 5.72 15.09
CA ALA C 189 3.43 5.61 15.58
C ALA C 189 3.27 4.38 16.44
N ALA C 190 3.97 3.30 16.09
CA ALA C 190 3.89 2.07 16.85
C ALA C 190 4.66 2.17 18.17
N GLU C 191 5.84 2.79 18.16
CA GLU C 191 6.57 2.91 19.41
C GLU C 191 5.90 3.92 20.34
N LEU C 192 5.56 5.09 19.81
CA LEU C 192 5.13 6.17 20.68
C LEU C 192 3.65 6.11 21.04
N GLY C 193 2.87 5.27 20.37
CA GLY C 193 1.49 5.10 20.79
C GLY C 193 1.37 4.62 22.21
N GLN C 194 2.33 3.81 22.68
CA GLN C 194 2.29 3.34 24.05
C GLN C 194 2.41 4.50 25.06
N HIS C 195 2.88 5.66 24.63
CA HIS C 195 2.97 6.84 25.49
C HIS C 195 1.89 7.88 25.20
N GLY C 196 0.88 7.55 24.40
CA GLY C 196 -0.15 8.51 24.08
C GLY C 196 0.19 9.50 22.98
N ILE C 197 1.31 9.31 22.28
CA ILE C 197 1.79 10.24 21.27
C ILE C 197 1.32 9.78 19.90
N ARG C 198 0.80 10.72 19.09
CA ARG C 198 0.40 10.46 17.72
C ARG C 198 1.45 10.94 16.73
N VAL C 199 1.65 10.16 15.67
CA VAL C 199 2.63 10.45 14.63
C VAL C 199 1.93 10.28 13.28
N ASN C 200 2.00 11.30 12.45
CA ASN C 200 1.39 11.28 11.13
C ASN C 200 2.25 12.09 10.16
N CYS C 201 1.90 12.04 8.88
CA CYS C 201 2.58 12.91 7.93
C CYS C 201 1.58 13.44 6.90
N VAL C 202 1.93 14.56 6.26
CA VAL C 202 1.15 15.12 5.16
CA VAL C 202 1.15 15.11 5.16
C VAL C 202 1.97 14.96 3.88
N SER C 203 1.32 14.50 2.80
CA SER C 203 2.02 14.22 1.55
C SER C 203 1.42 15.00 0.39
N PRO C 204 1.94 16.19 0.09
CA PRO C 204 1.38 17.00 -0.99
C PRO C 204 1.92 16.65 -2.37
N TYR C 205 1.11 17.01 -3.35
CA TYR C 205 1.45 16.98 -4.77
C TYR C 205 2.41 18.15 -5.04
N GLY C 206 2.76 18.38 -6.31
CA GLY C 206 3.56 19.54 -6.65
C GLY C 206 5.04 19.35 -6.36
N VAL C 207 5.77 20.45 -6.52
CA VAL C 207 7.19 20.50 -6.20
C VAL C 207 7.35 21.27 -4.89
N VAL C 208 7.96 20.62 -3.90
CA VAL C 208 8.02 21.11 -2.52
C VAL C 208 9.47 21.04 -2.06
N THR C 209 10.10 22.19 -1.91
CA THR C 209 11.49 22.22 -1.47
C THR C 209 11.83 23.63 -0.97
N GLY C 210 12.67 23.69 0.06
CA GLY C 210 13.27 24.94 0.46
C GLY C 210 14.40 25.31 -0.46
N ILE C 211 15.21 26.28 -0.02
CA ILE C 211 16.41 26.63 -0.77
C ILE C 211 17.38 25.47 -0.73
N GLY C 212 18.02 25.19 -1.87
CA GLY C 212 18.95 24.08 -1.97
C GLY C 212 19.96 24.29 -3.07
N ARG C 213 21.14 23.72 -2.89
CA ARG C 213 22.23 23.89 -3.84
C ARG C 213 21.85 23.33 -5.21
N GLY C 214 21.76 24.22 -6.20
CA GLY C 214 21.45 23.80 -7.56
C GLY C 214 20.00 23.44 -7.79
N VAL C 215 19.07 24.12 -7.12
CA VAL C 215 17.65 24.00 -7.38
C VAL C 215 17.27 25.23 -8.19
N SER C 216 17.12 25.05 -9.50
N SER C 216 17.13 25.08 -9.51
CA SER C 216 16.75 26.13 -10.39
CA SER C 216 16.84 26.23 -10.33
C SER C 216 15.30 26.55 -10.18
C SER C 216 15.35 26.57 -10.29
N GLU C 217 15.06 27.86 -10.17
CA GLU C 217 13.68 28.34 -10.09
C GLU C 217 12.95 28.18 -11.41
N VAL C 218 13.68 28.28 -12.53
CA VAL C 218 13.08 27.99 -13.83
C VAL C 218 12.61 26.54 -13.88
N ASP C 219 13.49 25.60 -13.52
CA ASP C 219 13.12 24.19 -13.65
C ASP C 219 11.94 23.85 -12.75
N VAL C 220 11.91 24.44 -11.54
CA VAL C 220 10.79 24.17 -10.63
C VAL C 220 9.50 24.70 -11.23
N ALA C 221 9.55 25.94 -11.75
CA ALA C 221 8.37 26.51 -12.40
C ALA C 221 7.89 25.63 -13.54
N GLN C 222 8.81 25.16 -14.39
CA GLN C 222 8.42 24.32 -15.52
C GLN C 222 7.73 23.04 -15.05
N VAL C 223 8.24 22.44 -13.98
CA VAL C 223 7.61 21.22 -13.47
C VAL C 223 6.31 21.54 -12.73
N GLU C 224 6.32 22.58 -11.89
CA GLU C 224 5.08 22.94 -11.22
C GLU C 224 3.99 23.25 -12.25
N ALA C 225 4.37 23.87 -13.37
CA ALA C 225 3.40 24.13 -14.43
C ALA C 225 2.89 22.83 -15.05
N MET C 226 3.78 21.86 -15.29
CA MET C 226 3.31 20.60 -15.85
C MET C 226 2.41 19.87 -14.86
N LEU C 227 2.78 19.85 -13.57
CA LEU C 227 2.00 19.12 -12.59
C LEU C 227 0.59 19.68 -12.47
N SER C 228 0.43 20.99 -12.66
CA SER C 228 -0.93 21.54 -12.61
C SER C 228 -1.69 21.19 -13.87
N GLU C 229 -1.00 20.92 -14.97
CA GLU C 229 -1.70 20.48 -16.17
C GLU C 229 -2.10 19.01 -16.10
N VAL C 230 -1.32 18.16 -15.43
CA VAL C 230 -1.57 16.73 -15.46
C VAL C 230 -2.20 16.23 -14.17
N GLY C 231 -2.61 17.13 -13.29
CA GLY C 231 -3.26 16.72 -12.06
C GLY C 231 -4.55 15.97 -12.33
N ASN C 232 -4.93 15.12 -11.38
CA ASN C 232 -6.15 14.34 -11.54
C ASN C 232 -7.41 15.15 -11.24
N LEU C 233 -7.38 16.03 -10.25
CA LEU C 233 -8.56 16.79 -9.85
C LEU C 233 -8.62 18.07 -10.67
N LYS C 234 -9.52 18.11 -11.65
CA LYS C 234 -9.62 19.27 -12.51
C LYS C 234 -10.36 20.42 -11.82
N GLY C 235 -10.12 21.64 -12.29
CA GLY C 235 -10.76 22.81 -11.75
C GLY C 235 -10.21 23.29 -10.42
N ALA C 236 -9.20 22.64 -9.89
CA ALA C 236 -8.58 23.05 -8.64
C ALA C 236 -7.07 23.00 -8.81
N VAL C 237 -6.39 23.87 -8.08
CA VAL C 237 -4.94 23.91 -8.03
C VAL C 237 -4.53 23.78 -6.57
N LEU C 238 -3.55 22.94 -6.30
CA LEU C 238 -3.02 22.81 -4.95
C LEU C 238 -2.41 24.13 -4.49
N LYS C 239 -2.77 24.58 -3.29
CA LYS C 239 -2.14 25.76 -2.70
C LYS C 239 -1.49 25.36 -1.38
N VAL C 240 -0.52 26.17 -0.94
CA VAL C 240 0.12 25.89 0.35
C VAL C 240 -0.91 25.80 1.46
N GLU C 241 -2.00 26.56 1.35
CA GLU C 241 -3.04 26.53 2.38
C GLU C 241 -3.64 25.14 2.50
N ASP C 242 -3.79 24.43 1.39
CA ASP C 242 -4.31 23.06 1.44
C ASP C 242 -3.48 22.15 2.34
N VAL C 243 -2.14 22.27 2.26
CA VAL C 243 -1.29 21.40 3.07
C VAL C 243 -1.33 21.85 4.52
N ALA C 244 -1.32 23.16 4.76
CA ALA C 244 -1.43 23.66 6.13
C ALA C 244 -2.71 23.18 6.78
N GLN C 245 -3.81 23.18 6.03
CA GLN C 245 -5.09 22.72 6.58
C GLN C 245 -5.02 21.26 6.98
N ALA C 246 -4.32 20.44 6.19
CA ALA C 246 -4.17 19.03 6.56
C ALA C 246 -3.36 18.89 7.83
N ALA C 247 -2.27 19.67 7.96
CA ALA C 247 -1.47 19.61 9.18
C ALA C 247 -2.27 20.05 10.39
N LEU C 248 -3.14 21.06 10.20
CA LEU C 248 -3.94 21.57 11.30
C LEU C 248 -4.96 20.54 11.77
N TYR C 249 -5.65 19.88 10.83
CA TYR C 249 -6.53 18.78 11.22
C TYR C 249 -5.75 17.74 12.02
N LEU C 250 -4.61 17.29 11.48
CA LEU C 250 -3.82 16.27 12.15
C LEU C 250 -3.32 16.70 13.52
N ALA C 251 -2.99 17.99 13.68
CA ALA C 251 -2.45 18.47 14.96
C ALA C 251 -3.54 18.74 15.99
N SER C 252 -4.79 18.91 15.56
CA SER C 252 -5.85 19.32 16.44
C SER C 252 -6.40 18.14 17.24
N ASP C 253 -7.12 18.47 18.31
CA ASP C 253 -7.78 17.45 19.09
C ASP C 253 -8.90 16.78 18.32
N GLU C 254 -9.36 17.38 17.22
CA GLU C 254 -10.32 16.72 16.36
C GLU C 254 -9.72 15.49 15.67
N ALA C 255 -8.42 15.28 15.77
CA ALA C 255 -7.75 14.08 15.26
C ALA C 255 -7.21 13.21 16.40
N ASN C 256 -7.88 13.24 17.56
CA ASN C 256 -7.42 12.55 18.76
C ASN C 256 -7.09 11.07 18.56
N TYR C 257 -7.72 10.41 17.60
CA TYR C 257 -7.45 8.99 17.40
C TYR C 257 -6.78 8.71 16.08
N VAL C 258 -6.12 9.69 15.49
CA VAL C 258 -5.50 9.55 14.17
C VAL C 258 -3.99 9.45 14.37
N SER C 259 -3.43 8.28 14.05
CA SER C 259 -1.99 8.07 14.13
C SER C 259 -1.60 7.03 13.09
N GLY C 260 -0.36 7.13 12.63
CA GLY C 260 0.13 6.28 11.58
C GLY C 260 -0.37 6.61 10.21
N LEU C 261 -1.04 7.76 10.04
CA LEU C 261 -1.76 8.09 8.81
C LEU C 261 -0.87 8.87 7.85
N ASN C 262 -0.82 8.42 6.60
CA ASN C 262 -0.17 9.22 5.56
C ASN C 262 -1.28 10.05 4.89
N LEU C 263 -1.42 11.30 5.31
CA LEU C 263 -2.53 12.10 4.80
C LEU C 263 -2.08 12.69 3.47
N VAL C 264 -2.49 12.05 2.38
CA VAL C 264 -2.07 12.47 1.05
C VAL C 264 -2.95 13.62 0.56
N VAL C 265 -2.32 14.69 0.09
CA VAL C 265 -3.00 15.86 -0.47
C VAL C 265 -2.56 16.02 -1.93
N ASP C 266 -3.23 15.31 -2.83
CA ASP C 266 -2.77 15.29 -4.23
C ASP C 266 -3.91 15.19 -5.23
N GLY C 267 -5.16 15.42 -4.81
CA GLY C 267 -6.26 15.44 -5.75
C GLY C 267 -6.47 14.11 -6.44
N GLY C 268 -5.89 13.02 -5.90
CA GLY C 268 -6.02 11.71 -6.50
C GLY C 268 -4.93 11.30 -7.48
N PHE C 269 -3.91 12.15 -7.70
CA PHE C 269 -2.85 11.83 -8.66
C PHE C 269 -2.21 10.46 -8.41
N SER C 270 -1.96 10.12 -7.16
CA SER C 270 -1.20 8.92 -6.83
C SER C 270 -2.03 7.64 -6.83
N VAL C 271 -3.34 7.70 -7.10
CA VAL C 271 -4.13 6.47 -7.11
C VAL C 271 -4.39 5.98 -8.52
N VAL C 272 -3.94 6.69 -9.54
CA VAL C 272 -4.33 6.38 -10.91
C VAL C 272 -3.10 6.33 -11.81
N ASN C 273 -3.12 5.41 -12.75
CA ASN C 273 -2.29 5.45 -13.95
C ASN C 273 -3.23 5.73 -15.11
N PRO C 274 -3.30 6.98 -15.60
CA PRO C 274 -4.32 7.35 -16.58
C PRO C 274 -3.96 7.02 -18.02
N SER C 275 -2.95 6.17 -18.24
CA SER C 275 -2.49 5.90 -19.61
C SER C 275 -3.61 5.35 -20.49
N MET C 276 -4.49 4.53 -19.92
CA MET C 276 -5.61 3.98 -20.69
C MET C 276 -6.67 5.05 -20.96
N MET C 277 -7.06 5.81 -19.93
CA MET C 277 -8.07 6.84 -20.12
C MET C 277 -7.61 7.88 -21.13
N MET C 278 -6.34 8.28 -21.06
CA MET C 278 -5.75 9.17 -22.06
C MET C 278 -5.79 8.56 -23.45
N ALA C 279 -5.40 7.29 -23.59
CA ALA C 279 -5.27 6.70 -24.91
C ALA C 279 -6.63 6.38 -25.53
N LEU C 280 -7.66 6.14 -24.71
CA LEU C 280 -9.01 5.88 -25.22
C LEU C 280 -9.62 7.14 -25.81
N MET D 21 -16.34 29.79 11.99
CA MET D 21 -16.77 28.68 12.83
C MET D 21 -17.46 27.58 12.02
N LYS D 22 -18.48 27.94 11.25
CA LYS D 22 -19.30 26.97 10.53
C LYS D 22 -18.57 26.52 9.27
N ARG D 23 -18.04 25.30 9.29
CA ARG D 23 -17.12 24.82 8.28
C ARG D 23 -17.81 24.17 7.08
N LEU D 24 -19.14 24.08 7.08
CA LEU D 24 -19.87 23.53 5.94
C LEU D 24 -21.03 24.44 5.58
N GLU D 25 -20.86 25.74 5.72
CA GLU D 25 -21.97 26.67 5.52
C GLU D 25 -22.43 26.63 4.07
N GLY D 26 -23.76 26.60 3.89
CA GLY D 26 -24.36 26.49 2.59
C GLY D 26 -24.33 25.11 1.98
N LYS D 27 -23.54 24.18 2.51
CA LYS D 27 -23.41 22.88 1.88
C LYS D 27 -24.65 22.04 2.15
N VAL D 28 -24.97 21.16 1.20
CA VAL D 28 -26.06 20.20 1.31
C VAL D 28 -25.46 18.80 1.32
N ALA D 29 -25.74 18.04 2.39
CA ALA D 29 -25.16 16.71 2.56
C ALA D 29 -26.26 15.67 2.74
N ILE D 30 -26.07 14.52 2.11
CA ILE D 30 -26.85 13.31 2.37
C ILE D 30 -25.96 12.39 3.20
N ILE D 31 -26.52 11.80 4.25
CA ILE D 31 -25.78 10.87 5.10
C ILE D 31 -26.62 9.60 5.24
N THR D 32 -26.22 8.53 4.53
CA THR D 32 -26.88 7.25 4.71
C THR D 32 -26.46 6.64 6.05
N GLY D 33 -27.34 5.81 6.60
CA GLY D 33 -27.13 5.32 7.95
C GLY D 33 -27.10 6.43 8.97
N GLY D 34 -27.79 7.53 8.69
CA GLY D 34 -27.62 8.73 9.49
C GLY D 34 -28.42 8.78 10.77
N ALA D 35 -29.24 7.78 11.09
CA ALA D 35 -30.08 7.85 12.27
C ALA D 35 -29.43 7.25 13.52
N SER D 36 -28.23 6.70 13.42
CA SER D 36 -27.57 6.14 14.59
C SER D 36 -26.07 6.11 14.35
N GLY D 37 -25.31 5.87 15.43
CA GLY D 37 -23.89 5.61 15.32
C GLY D 37 -23.09 6.75 14.69
N ILE D 38 -22.12 6.38 13.86
CA ILE D 38 -21.28 7.37 13.18
C ILE D 38 -22.15 8.30 12.34
N GLY D 39 -23.13 7.74 11.62
CA GLY D 39 -24.01 8.57 10.80
C GLY D 39 -24.69 9.67 11.60
N ALA D 40 -25.31 9.31 12.73
CA ALA D 40 -25.99 10.32 13.54
C ALA D 40 -25.01 11.33 14.10
N SER D 41 -23.83 10.88 14.51
CA SER D 41 -22.80 11.81 14.96
C SER D 41 -22.41 12.78 13.87
N ALA D 42 -22.31 12.29 12.63
CA ALA D 42 -21.93 13.17 11.53
C ALA D 42 -23.07 14.11 11.18
N VAL D 43 -24.31 13.61 11.23
CA VAL D 43 -25.48 14.44 10.97
C VAL D 43 -25.47 15.64 11.93
N ARG D 44 -25.31 15.37 13.22
CA ARG D 44 -25.25 16.46 14.20
C ARG D 44 -24.10 17.41 13.90
N LEU D 45 -22.91 16.86 13.68
CA LEU D 45 -21.71 17.68 13.46
C LEU D 45 -21.82 18.53 12.21
N PHE D 46 -22.30 17.94 11.10
CA PHE D 46 -22.44 18.71 9.87
C PHE D 46 -23.46 19.83 10.06
N TRP D 47 -24.59 19.51 10.67
CA TRP D 47 -25.61 20.53 10.93
C TRP D 47 -25.04 21.67 11.78
N GLU D 48 -24.23 21.33 12.78
CA GLU D 48 -23.62 22.34 13.64
C GLU D 48 -22.68 23.26 12.88
N ASN D 49 -22.17 22.82 11.74
CA ASN D 49 -21.28 23.62 10.91
C ASN D 49 -22.00 24.22 9.70
N GLY D 50 -23.32 24.31 9.74
CA GLY D 50 -24.08 25.08 8.77
C GLY D 50 -24.63 24.29 7.60
N ALA D 51 -24.48 22.98 7.59
CA ALA D 51 -24.92 22.19 6.45
C ALA D 51 -26.42 21.90 6.55
N LYS D 52 -27.03 21.74 5.38
CA LYS D 52 -28.34 21.12 5.25
C LYS D 52 -28.08 19.63 5.15
N VAL D 53 -28.77 18.84 5.97
CA VAL D 53 -28.47 17.41 6.08
C VAL D 53 -29.74 16.62 5.82
N VAL D 54 -29.66 15.69 4.87
CA VAL D 54 -30.75 14.74 4.63
C VAL D 54 -30.31 13.41 5.22
N ILE D 55 -31.00 12.98 6.27
CA ILE D 55 -30.75 11.68 6.89
C ILE D 55 -31.43 10.62 6.04
N ALA D 56 -30.68 9.58 5.67
CA ALA D 56 -31.20 8.47 4.88
C ALA D 56 -30.98 7.18 5.67
N ASP D 57 -32.07 6.48 6.00
CA ASP D 57 -31.94 5.32 6.87
C ASP D 57 -33.23 4.50 6.81
N ILE D 58 -33.27 3.46 7.63
CA ILE D 58 -34.46 2.65 7.81
C ILE D 58 -34.91 2.61 9.25
N GLN D 59 -34.35 3.46 10.10
CA GLN D 59 -34.85 3.65 11.46
C GLN D 59 -35.65 4.94 11.44
N ASP D 60 -36.89 4.85 10.95
CA ASP D 60 -37.68 6.05 10.74
C ASP D 60 -37.90 6.83 12.02
N ASP D 61 -38.17 6.13 13.12
CA ASP D 61 -38.51 6.84 14.35
C ASP D 61 -37.29 7.57 14.92
N LEU D 62 -36.14 6.91 14.96
CA LEU D 62 -34.93 7.54 15.46
C LEU D 62 -34.52 8.70 14.56
N GLY D 63 -34.64 8.51 13.24
CA GLY D 63 -34.23 9.55 12.31
C GLY D 63 -35.11 10.79 12.41
N GLN D 64 -36.42 10.58 12.54
CA GLN D 64 -37.31 11.73 12.64
C GLN D 64 -37.12 12.46 13.97
N ALA D 65 -36.76 11.74 15.03
CA ALA D 65 -36.46 12.40 16.29
C ALA D 65 -35.27 13.35 16.14
N ILE D 66 -34.26 12.96 15.37
CA ILE D 66 -33.14 13.87 15.12
C ILE D 66 -33.63 15.12 14.38
N CYS D 67 -34.46 14.95 13.35
CA CYS D 67 -34.98 16.09 12.61
C CYS D 67 -35.78 17.01 13.52
N ASP D 68 -36.65 16.45 14.36
CA ASP D 68 -37.43 17.29 15.27
C ASP D 68 -36.52 18.05 16.22
N LYS D 69 -35.41 17.42 16.62
CA LYS D 69 -34.53 18.05 17.58
C LYS D 69 -33.71 19.17 16.95
N LEU D 70 -33.29 19.00 15.69
CA LEU D 70 -32.36 19.92 15.05
C LEU D 70 -33.04 20.98 14.17
N GLY D 71 -34.30 20.80 13.79
CA GLY D 71 -35.00 21.80 12.99
C GLY D 71 -34.97 21.49 11.51
N LYS D 72 -35.50 22.46 10.74
CA LYS D 72 -35.85 22.23 9.33
C LYS D 72 -34.66 22.15 8.40
N ASN D 73 -33.44 22.46 8.84
CA ASN D 73 -32.30 22.19 7.99
C ASN D 73 -31.90 20.72 7.99
N VAL D 74 -32.61 19.85 8.72
CA VAL D 74 -32.35 18.42 8.73
C VAL D 74 -33.64 17.68 8.40
N SER D 75 -33.59 16.79 7.41
N SER D 75 -33.59 16.78 7.42
CA SER D 75 -34.77 16.06 6.96
CA SER D 75 -34.77 16.06 6.98
C SER D 75 -34.46 14.57 6.97
C SER D 75 -34.46 14.57 6.98
N TYR D 76 -35.52 13.76 6.93
CA TYR D 76 -35.39 12.31 6.93
C TYR D 76 -36.04 11.71 5.70
N ILE D 77 -35.34 10.76 5.08
CA ILE D 77 -35.84 10.00 3.93
C ILE D 77 -35.63 8.54 4.25
N HIS D 78 -36.72 7.77 4.27
CA HIS D 78 -36.58 6.31 4.39
C HIS D 78 -35.88 5.80 3.13
N CYS D 79 -34.76 5.10 3.31
CA CYS D 79 -33.98 4.62 2.17
C CYS D 79 -33.21 3.36 2.56
N ASP D 80 -33.56 2.24 1.93
CA ASP D 80 -32.72 1.04 1.91
C ASP D 80 -31.66 1.21 0.82
N VAL D 81 -30.41 1.40 1.22
CA VAL D 81 -29.37 1.74 0.25
C VAL D 81 -29.14 0.63 -0.78
N SER D 82 -29.55 -0.61 -0.51
CA SER D 82 -29.36 -1.65 -1.51
C SER D 82 -30.41 -1.59 -2.61
N ASN D 83 -31.40 -0.71 -2.47
CA ASN D 83 -32.48 -0.58 -3.43
C ASN D 83 -32.23 0.67 -4.26
N GLU D 84 -32.09 0.50 -5.58
CA GLU D 84 -31.79 1.65 -6.43
C GLU D 84 -32.92 2.67 -6.42
N ASP D 85 -34.17 2.22 -6.46
CA ASP D 85 -35.28 3.16 -6.45
C ASP D 85 -35.25 4.02 -5.19
N ASP D 86 -34.92 3.42 -4.04
CA ASP D 86 -34.73 4.23 -2.84
C ASP D 86 -33.61 5.24 -3.00
N ILE D 87 -32.48 4.83 -3.59
CA ILE D 87 -31.33 5.72 -3.73
C ILE D 87 -31.67 6.89 -4.67
N ARG D 88 -32.29 6.58 -5.81
CA ARG D 88 -32.72 7.61 -6.74
CA ARG D 88 -32.70 7.63 -6.73
C ARG D 88 -33.66 8.60 -6.07
N ASN D 89 -34.68 8.07 -5.38
CA ASN D 89 -35.62 8.95 -4.68
C ASN D 89 -34.87 9.82 -3.70
N LEU D 90 -33.91 9.23 -2.97
CA LEU D 90 -33.14 9.98 -1.99
C LEU D 90 -32.42 11.16 -2.63
N VAL D 91 -31.67 10.91 -3.70
CA VAL D 91 -30.91 11.99 -4.33
C VAL D 91 -31.87 13.02 -4.94
N ASP D 92 -32.87 12.56 -5.70
CA ASP D 92 -33.72 13.49 -6.44
C ASP D 92 -34.51 14.40 -5.52
N THR D 93 -35.10 13.84 -4.45
CA THR D 93 -35.82 14.70 -3.52
C THR D 93 -34.88 15.71 -2.86
N THR D 94 -33.66 15.28 -2.51
CA THR D 94 -32.70 16.20 -1.93
C THR D 94 -32.42 17.36 -2.87
N VAL D 95 -32.20 17.06 -4.15
CA VAL D 95 -31.93 18.14 -5.10
C VAL D 95 -33.17 18.99 -5.28
N ALA D 96 -34.36 18.37 -5.22
CA ALA D 96 -35.60 19.13 -5.30
C ALA D 96 -35.77 20.03 -4.08
N LYS D 97 -35.37 19.57 -2.90
CA LYS D 97 -35.50 20.40 -1.71
C LYS D 97 -34.55 21.60 -1.77
N TYR D 98 -33.29 21.38 -2.18
CA TYR D 98 -32.27 22.40 -1.98
C TYR D 98 -31.57 22.87 -3.26
N GLY D 99 -31.89 22.29 -4.42
CA GLY D 99 -31.32 22.76 -5.67
C GLY D 99 -29.94 22.24 -6.00
N LYS D 100 -29.28 21.53 -5.08
CA LYS D 100 -27.93 21.03 -5.32
C LYS D 100 -27.66 19.92 -4.32
N LEU D 101 -26.56 19.19 -4.58
CA LEU D 101 -26.04 18.17 -3.68
C LEU D 101 -24.53 18.37 -3.59
N ASP D 102 -24.03 18.75 -2.41
CA ASP D 102 -22.59 18.95 -2.26
C ASP D 102 -21.87 17.69 -1.79
N ILE D 103 -22.46 16.95 -0.84
CA ILE D 103 -21.79 15.86 -0.16
C ILE D 103 -22.70 14.64 -0.17
N MET D 104 -22.20 13.51 -0.66
CA MET D 104 -22.88 12.22 -0.62
C MET D 104 -22.05 11.34 0.32
N PHE D 105 -22.50 11.20 1.55
CA PHE D 105 -21.78 10.41 2.55
C PHE D 105 -22.46 9.05 2.63
N ASN D 106 -21.87 8.07 1.93
CA ASN D 106 -22.32 6.68 1.92
C ASN D 106 -21.76 5.98 3.14
N ASN D 107 -22.48 6.13 4.25
CA ASN D 107 -21.98 5.68 5.55
C ASN D 107 -22.58 4.37 6.00
N ALA D 108 -23.79 4.04 5.53
CA ALA D 108 -24.49 2.83 5.97
C ALA D 108 -23.64 1.59 5.75
N GLY D 109 -23.55 0.75 6.76
CA GLY D 109 -22.88 -0.52 6.63
C GLY D 109 -23.34 -1.51 7.68
N ILE D 110 -23.17 -2.80 7.37
CA ILE D 110 -23.48 -3.85 8.33
C ILE D 110 -22.33 -4.85 8.39
N ILE D 111 -22.25 -5.54 9.53
CA ILE D 111 -21.35 -6.67 9.70
C ILE D 111 -22.18 -7.95 9.65
N ASP D 112 -21.54 -9.06 9.28
CA ASP D 112 -22.23 -10.35 9.35
C ASP D 112 -22.08 -10.95 10.74
N ARG D 113 -20.89 -10.83 11.31
CA ARG D 113 -20.56 -11.34 12.64
CA ARG D 113 -20.58 -11.32 12.64
C ARG D 113 -19.49 -10.44 13.22
N PRO D 114 -19.31 -10.45 14.54
CA PRO D 114 -18.14 -9.75 15.08
C PRO D 114 -16.83 -10.39 14.64
N TYR D 115 -16.75 -11.73 14.67
CA TYR D 115 -15.61 -12.48 14.19
C TYR D 115 -16.08 -13.90 13.89
N GLY D 116 -15.43 -14.54 12.93
CA GLY D 116 -15.79 -15.90 12.56
C GLY D 116 -14.85 -16.44 11.51
N SER D 117 -14.89 -17.76 11.33
CA SER D 117 -14.02 -18.48 10.41
C SER D 117 -14.63 -18.53 9.01
N ILE D 118 -13.75 -18.63 8.00
CA ILE D 118 -14.23 -18.86 6.64
C ILE D 118 -15.05 -20.16 6.56
N LEU D 119 -14.75 -21.14 7.41
CA LEU D 119 -15.44 -22.41 7.33
C LEU D 119 -16.94 -22.28 7.62
N ASP D 120 -17.38 -21.32 8.43
CA ASP D 120 -18.79 -21.18 8.77
CA ASP D 120 -18.80 -21.19 8.75
C ASP D 120 -19.44 -19.94 8.18
N THR D 121 -18.83 -19.33 7.15
CA THR D 121 -19.47 -18.21 6.49
CA THR D 121 -19.47 -18.21 6.48
C THR D 121 -20.56 -18.72 5.55
N GLU D 122 -21.74 -18.10 5.62
CA GLU D 122 -22.91 -18.50 4.85
C GLU D 122 -22.99 -17.61 3.62
N LYS D 123 -23.17 -18.23 2.44
CA LYS D 123 -23.30 -17.46 1.21
C LYS D 123 -24.29 -16.31 1.35
N SER D 124 -25.48 -16.60 1.90
CA SER D 124 -26.50 -15.58 2.04
C SER D 124 -26.03 -14.41 2.92
N ASP D 125 -25.30 -14.71 3.99
CA ASP D 125 -24.76 -13.63 4.83
C ASP D 125 -23.78 -12.78 4.05
N LEU D 126 -22.91 -13.42 3.27
CA LEU D 126 -21.95 -12.68 2.46
C LEU D 126 -22.67 -11.79 1.46
N GLU D 127 -23.71 -12.31 0.84
CA GLU D 127 -24.45 -11.53 -0.15
C GLU D 127 -25.16 -10.34 0.49
N ARG D 128 -25.66 -10.52 1.72
CA ARG D 128 -26.35 -9.42 2.39
CA ARG D 128 -26.34 -9.43 2.43
C ARG D 128 -25.36 -8.31 2.78
N VAL D 129 -24.18 -8.68 3.29
CA VAL D 129 -23.18 -7.68 3.61
C VAL D 129 -22.73 -6.97 2.32
N LEU D 130 -22.60 -7.70 1.22
CA LEU D 130 -22.23 -7.06 -0.04
C LEU D 130 -23.34 -6.14 -0.52
N GLY D 131 -24.60 -6.59 -0.38
CA GLY D 131 -25.74 -5.79 -0.81
C GLY D 131 -25.75 -4.40 -0.20
N VAL D 132 -25.63 -4.34 1.13
CA VAL D 132 -25.68 -3.06 1.82
C VAL D 132 -24.38 -2.28 1.66
N ASN D 133 -23.23 -2.92 1.98
CA ASN D 133 -21.96 -2.19 2.08
C ASN D 133 -21.46 -1.73 0.71
N LEU D 134 -21.35 -2.66 -0.23
CA LEU D 134 -20.72 -2.41 -1.53
C LEU D 134 -21.74 -1.94 -2.57
N VAL D 135 -22.79 -2.72 -2.80
CA VAL D 135 -23.81 -2.31 -3.77
C VAL D 135 -24.44 -0.99 -3.37
N GLY D 136 -24.72 -0.82 -2.08
CA GLY D 136 -25.29 0.44 -1.60
C GLY D 136 -24.39 1.64 -1.86
N GLY D 137 -23.09 1.50 -1.55
CA GLY D 137 -22.15 2.57 -1.87
C GLY D 137 -22.07 2.83 -3.36
N PHE D 138 -22.03 1.77 -4.14
CA PHE D 138 -22.03 1.86 -5.60
C PHE D 138 -23.23 2.66 -6.09
N LEU D 139 -24.42 2.28 -5.65
CA LEU D 139 -25.64 2.96 -6.08
C LEU D 139 -25.65 4.41 -5.65
N GLY D 140 -25.25 4.68 -4.41
CA GLY D 140 -25.25 6.05 -3.92
C GLY D 140 -24.26 6.93 -4.65
N ALA D 141 -23.08 6.40 -4.97
CA ALA D 141 -22.12 7.15 -5.77
C ALA D 141 -22.60 7.31 -7.20
N LYS D 142 -23.28 6.31 -7.74
CA LYS D 142 -23.84 6.43 -9.08
C LYS D 142 -24.80 7.63 -9.16
N HIS D 143 -25.78 7.69 -8.27
CA HIS D 143 -26.80 8.71 -8.41
C HIS D 143 -26.31 10.07 -7.93
N ALA D 144 -25.41 10.10 -6.96
CA ALA D 144 -24.74 11.35 -6.61
C ALA D 144 -23.93 11.88 -7.79
N ALA D 145 -23.16 11.02 -8.43
CA ALA D 145 -22.45 11.45 -9.65
C ALA D 145 -23.42 11.97 -10.69
N ARG D 146 -24.60 11.35 -10.81
CA ARG D 146 -25.60 11.82 -11.77
C ARG D 146 -25.88 13.30 -11.60
N VAL D 147 -25.97 13.78 -10.36
CA VAL D 147 -26.24 15.20 -10.15
C VAL D 147 -24.96 16.02 -9.97
N MET D 148 -23.87 15.48 -9.42
CA MET D 148 -22.73 16.38 -9.28
C MET D 148 -21.92 16.58 -10.56
N VAL D 149 -21.92 15.64 -11.51
CA VAL D 149 -21.18 15.86 -12.76
C VAL D 149 -21.65 17.13 -13.47
N PRO D 150 -22.96 17.36 -13.68
CA PRO D 150 -23.35 18.65 -14.27
C PRO D 150 -23.02 19.85 -13.40
N GLN D 151 -22.96 19.68 -12.07
CA GLN D 151 -22.55 20.79 -11.21
C GLN D 151 -21.08 21.09 -11.38
N ARG D 152 -20.29 20.13 -11.85
CA ARG D 152 -18.84 20.24 -11.91
C ARG D 152 -18.26 20.47 -10.52
N LYS D 153 -18.87 19.85 -9.52
CA LYS D 153 -18.42 19.97 -8.14
C LYS D 153 -19.17 18.94 -7.30
N GLY D 154 -18.53 18.52 -6.22
CA GLY D 154 -19.13 17.60 -5.29
C GLY D 154 -18.07 16.82 -4.53
N CYS D 155 -18.51 16.18 -3.45
CA CYS D 155 -17.64 15.35 -2.64
C CYS D 155 -18.41 14.08 -2.29
N ILE D 156 -17.91 12.92 -2.72
CA ILE D 156 -18.52 11.62 -2.44
C ILE D 156 -17.67 10.93 -1.39
N LEU D 157 -18.29 10.53 -0.28
CA LEU D 157 -17.59 9.91 0.83
C LEU D 157 -18.14 8.52 1.09
N PHE D 158 -17.29 7.64 1.60
CA PHE D 158 -17.71 6.31 2.04
C PHE D 158 -17.21 6.12 3.45
N THR D 159 -17.97 5.39 4.25
CA THR D 159 -17.46 4.89 5.51
C THR D 159 -16.88 3.51 5.19
N ALA D 160 -15.56 3.37 5.20
CA ALA D 160 -14.98 2.07 4.92
C ALA D 160 -14.70 1.39 6.25
N SER D 161 -13.44 1.05 6.50
CA SER D 161 -13.10 0.39 7.77
C SER D 161 -11.60 0.24 7.86
N ALA D 162 -11.10 0.32 9.10
CA ALA D 162 -9.70 0.02 9.34
C ALA D 162 -9.34 -1.40 8.93
N CYS D 163 -10.33 -2.32 8.92
CA CYS D 163 -10.00 -3.67 8.47
C CYS D 163 -9.75 -3.74 6.97
N ALA D 164 -10.06 -2.69 6.20
CA ALA D 164 -9.53 -2.67 4.84
C ALA D 164 -8.05 -2.35 4.80
N SER D 165 -7.41 -2.08 5.94
CA SER D 165 -6.00 -1.73 5.94
C SER D 165 -5.12 -2.83 6.53
N ILE D 166 -5.71 -3.82 7.20
CA ILE D 166 -4.95 -4.85 7.91
C ILE D 166 -5.86 -6.05 8.12
N ALA D 167 -5.27 -7.24 8.10
CA ALA D 167 -6.02 -8.45 8.39
C ALA D 167 -6.03 -8.69 9.89
N GLY D 168 -6.95 -9.55 10.32
CA GLY D 168 -7.08 -9.86 11.71
C GLY D 168 -8.07 -9.01 12.46
N LEU D 169 -8.72 -8.06 11.79
CA LEU D 169 -9.63 -7.14 12.46
C LEU D 169 -11.10 -7.38 12.16
N GLY D 170 -11.46 -7.68 10.91
CA GLY D 170 -12.84 -7.94 10.55
C GLY D 170 -13.02 -9.35 10.01
N THR D 171 -14.28 -9.78 9.98
CA THR D 171 -14.64 -11.03 9.31
C THR D 171 -14.32 -10.94 7.84
N HIS D 172 -14.31 -12.11 7.18
CA HIS D 172 -13.94 -12.15 5.77
C HIS D 172 -14.95 -11.39 4.90
N ALA D 173 -16.26 -11.57 5.16
CA ALA D 173 -17.26 -10.93 4.32
C ALA D 173 -17.19 -9.41 4.47
N TYR D 174 -17.15 -8.94 5.72
CA TYR D 174 -17.03 -7.51 5.99
C TYR D 174 -15.75 -6.93 5.38
N THR D 175 -14.62 -7.58 5.64
CA THR D 175 -13.33 -7.08 5.14
C THR D 175 -13.34 -7.01 3.62
N ALA D 176 -13.80 -8.07 2.96
CA ALA D 176 -13.88 -8.04 1.51
C ALA D 176 -14.72 -6.85 1.03
N SER D 177 -15.85 -6.59 1.71
CA SER D 177 -16.70 -5.51 1.25
C SER D 177 -16.06 -4.15 1.47
N LYS D 178 -15.28 -3.99 2.53
CA LYS D 178 -14.66 -2.68 2.76
C LYS D 178 -13.44 -2.47 1.88
N HIS D 179 -12.69 -3.53 1.56
CA HIS D 179 -11.66 -3.43 0.53
C HIS D 179 -12.27 -2.99 -0.79
N ALA D 180 -13.40 -3.62 -1.16
CA ALA D 180 -14.09 -3.24 -2.39
C ALA D 180 -14.47 -1.77 -2.37
N ILE D 181 -14.87 -1.26 -1.20
CA ILE D 181 -15.24 0.15 -1.11
C ILE D 181 -14.02 1.04 -1.29
N VAL D 182 -12.89 0.68 -0.67
CA VAL D 182 -11.68 1.47 -0.85
C VAL D 182 -11.29 1.52 -2.32
N GLY D 183 -11.39 0.39 -3.02
CA GLY D 183 -11.04 0.37 -4.44
C GLY D 183 -12.04 1.12 -5.31
N LEU D 184 -13.32 1.03 -4.98
CA LEU D 184 -14.30 1.86 -5.69
C LEU D 184 -14.00 3.33 -5.48
N MET D 185 -13.66 3.71 -4.25
CA MET D 185 -13.38 5.12 -3.95
C MET D 185 -12.25 5.64 -4.84
N LYS D 186 -11.18 4.85 -4.99
CA LYS D 186 -10.04 5.30 -5.78
C LYS D 186 -10.38 5.33 -7.26
N ASN D 187 -11.14 4.34 -7.73
CA ASN D 187 -11.54 4.31 -9.14
C ASN D 187 -12.50 5.45 -9.48
N LEU D 188 -13.40 5.79 -8.56
CA LEU D 188 -14.26 6.95 -8.76
C LEU D 188 -13.45 8.25 -8.70
N ALA D 189 -12.50 8.34 -7.76
CA ALA D 189 -11.67 9.53 -7.70
C ALA D 189 -11.02 9.80 -9.04
N ALA D 190 -10.60 8.73 -9.74
CA ALA D 190 -9.98 8.86 -11.05
C ALA D 190 -10.98 9.29 -12.11
N GLU D 191 -12.16 8.65 -12.15
CA GLU D 191 -13.11 9.01 -13.18
C GLU D 191 -13.67 10.42 -12.94
N LEU D 192 -14.02 10.74 -11.70
CA LEU D 192 -14.80 11.94 -11.44
C LEU D 192 -13.94 13.18 -11.19
N GLY D 193 -12.65 13.01 -10.92
CA GLY D 193 -11.77 14.16 -10.80
C GLY D 193 -11.77 15.05 -12.02
N GLN D 194 -11.97 14.48 -13.21
CA GLN D 194 -12.09 15.30 -14.40
C GLN D 194 -13.29 16.25 -14.34
N HIS D 195 -14.26 16.00 -13.46
CA HIS D 195 -15.39 16.90 -13.29
C HIS D 195 -15.28 17.73 -12.03
N GLY D 196 -14.10 17.81 -11.43
CA GLY D 196 -13.94 18.57 -10.19
C GLY D 196 -14.51 17.91 -8.95
N ILE D 197 -14.89 16.63 -9.02
CA ILE D 197 -15.52 15.95 -7.88
C ILE D 197 -14.45 15.18 -7.11
N ARG D 198 -14.44 15.34 -5.79
CA ARG D 198 -13.56 14.59 -4.91
C ARG D 198 -14.26 13.36 -4.34
N VAL D 199 -13.51 12.26 -4.19
CA VAL D 199 -14.03 11.01 -3.64
C VAL D 199 -13.03 10.49 -2.61
N ASN D 200 -13.50 10.23 -1.40
CA ASN D 200 -12.64 9.79 -0.31
C ASN D 200 -13.40 8.81 0.57
N CYS D 201 -12.66 8.19 1.48
CA CYS D 201 -13.34 7.39 2.48
CA CYS D 201 -13.16 7.21 2.45
C CYS D 201 -12.73 7.63 3.84
N VAL D 202 -13.53 7.31 4.86
CA VAL D 202 -13.09 7.28 6.25
CA VAL D 202 -13.06 7.27 6.24
C VAL D 202 -13.11 5.83 6.69
N SER D 203 -12.08 5.42 7.43
CA SER D 203 -11.91 4.01 7.81
C SER D 203 -11.69 3.89 9.31
N PRO D 204 -12.75 3.74 10.08
CA PRO D 204 -12.59 3.66 11.54
C PRO D 204 -12.17 2.28 12.03
N TYR D 205 -11.53 2.32 13.20
CA TYR D 205 -11.04 1.14 13.89
C TYR D 205 -12.19 0.29 14.40
N GLY D 206 -13.12 0.90 15.13
CA GLY D 206 -14.09 0.13 15.91
C GLY D 206 -14.91 -0.82 15.06
N VAL D 207 -15.58 -1.74 15.76
CA VAL D 207 -16.41 -2.76 15.12
C VAL D 207 -17.57 -2.13 14.36
N VAL D 208 -18.11 -1.01 14.87
CA VAL D 208 -19.17 -0.22 14.25
C VAL D 208 -19.25 -0.34 12.72
N SER D 216 -25.84 -9.45 17.93
CA SER D 216 -26.43 -8.67 19.02
C SER D 216 -25.59 -7.46 19.43
N GLU D 217 -26.17 -6.58 20.25
CA GLU D 217 -25.45 -5.39 20.73
C GLU D 217 -24.36 -5.79 21.73
N VAL D 218 -24.64 -6.78 22.58
CA VAL D 218 -23.63 -7.28 23.51
C VAL D 218 -22.46 -7.89 22.75
N ASP D 219 -22.74 -8.68 21.70
CA ASP D 219 -21.66 -9.22 20.86
C ASP D 219 -20.74 -8.10 20.40
N VAL D 220 -21.33 -6.99 19.96
CA VAL D 220 -20.55 -5.90 19.40
C VAL D 220 -19.77 -5.19 20.50
N ALA D 221 -20.41 -4.95 21.66
CA ALA D 221 -19.75 -4.27 22.75
C ALA D 221 -18.56 -5.07 23.28
N GLN D 222 -18.68 -6.40 23.31
CA GLN D 222 -17.56 -7.24 23.72
C GLN D 222 -16.35 -7.01 22.84
N VAL D 223 -16.55 -6.97 21.52
CA VAL D 223 -15.42 -6.76 20.62
C VAL D 223 -14.89 -5.34 20.72
N GLU D 224 -15.79 -4.35 20.80
CA GLU D 224 -15.32 -2.97 20.98
C GLU D 224 -14.46 -2.86 22.23
N ALA D 225 -14.90 -3.49 23.34
CA ALA D 225 -14.11 -3.44 24.56
C ALA D 225 -12.74 -4.07 24.34
N MET D 226 -12.69 -5.18 23.61
CA MET D 226 -11.41 -5.83 23.37
C MET D 226 -10.53 -4.97 22.47
N LEU D 227 -11.12 -4.36 21.43
CA LEU D 227 -10.39 -3.45 20.55
C LEU D 227 -9.78 -2.30 21.34
N SER D 228 -10.52 -1.78 22.32
CA SER D 228 -9.98 -0.68 23.12
C SER D 228 -8.86 -1.14 24.04
N GLU D 229 -8.80 -2.44 24.39
CA GLU D 229 -7.67 -2.90 25.17
CA GLU D 229 -7.68 -2.94 25.17
C GLU D 229 -6.44 -3.16 24.32
N VAL D 230 -6.60 -3.58 23.07
CA VAL D 230 -5.46 -3.94 22.24
C VAL D 230 -5.10 -2.85 21.23
N GLY D 231 -5.71 -1.66 21.35
CA GLY D 231 -5.38 -0.57 20.45
C GLY D 231 -3.92 -0.16 20.57
N ASN D 232 -3.41 0.42 19.49
CA ASN D 232 -2.03 0.89 19.48
C ASN D 232 -1.87 2.17 20.29
N LEU D 233 -2.79 3.13 20.14
CA LEU D 233 -2.71 4.43 20.80
C LEU D 233 -3.29 4.33 22.21
N LYS D 234 -2.42 4.36 23.21
CA LYS D 234 -2.87 4.29 24.59
C LYS D 234 -3.34 5.66 25.09
N GLY D 235 -4.10 5.65 26.17
CA GLY D 235 -4.63 6.88 26.74
C GLY D 235 -5.69 7.57 25.91
N ALA D 236 -6.28 6.87 24.93
CA ALA D 236 -7.36 7.42 24.13
C ALA D 236 -8.24 6.26 23.70
N VAL D 237 -9.50 6.57 23.43
CA VAL D 237 -10.45 5.60 22.89
C VAL D 237 -11.16 6.24 21.71
N LEU D 238 -11.39 5.43 20.67
CA LEU D 238 -12.15 5.91 19.53
C LEU D 238 -13.58 6.22 19.96
N LYS D 239 -14.08 7.41 19.61
CA LYS D 239 -15.49 7.75 19.76
C LYS D 239 -16.07 8.05 18.39
N VAL D 240 -17.41 7.94 18.28
CA VAL D 240 -18.05 8.24 17.00
C VAL D 240 -17.69 9.64 16.52
N GLU D 241 -17.49 10.58 17.46
CA GLU D 241 -17.14 11.94 17.08
C GLU D 241 -15.80 12.00 16.34
N ASP D 242 -14.87 11.09 16.66
CA ASP D 242 -13.61 11.04 15.93
C ASP D 242 -13.86 10.78 14.46
N VAL D 243 -14.78 9.86 14.14
CA VAL D 243 -15.04 9.54 12.74
C VAL D 243 -15.80 10.67 12.07
N ALA D 244 -16.80 11.23 12.75
CA ALA D 244 -17.49 12.38 12.19
C ALA D 244 -16.51 13.51 11.87
N GLN D 245 -15.53 13.74 12.75
CA GLN D 245 -14.56 14.81 12.52
C GLN D 245 -13.73 14.56 11.27
N ALA D 246 -13.34 13.32 11.02
CA ALA D 246 -12.62 13.02 9.77
C ALA D 246 -13.51 13.30 8.56
N ALA D 247 -14.78 12.91 8.62
CA ALA D 247 -15.70 13.15 7.51
C ALA D 247 -15.92 14.64 7.31
N LEU D 248 -16.05 15.41 8.40
CA LEU D 248 -16.23 16.86 8.30
C LEU D 248 -15.04 17.49 7.57
N TYR D 249 -13.83 17.11 7.97
CA TYR D 249 -12.63 17.62 7.30
C TYR D 249 -12.69 17.34 5.80
N LEU D 250 -12.94 16.08 5.43
CA LEU D 250 -12.94 15.68 4.02
C LEU D 250 -14.07 16.34 3.22
N ALA D 251 -15.23 16.54 3.85
CA ALA D 251 -16.37 17.19 3.21
C ALA D 251 -16.20 18.69 3.04
N SER D 252 -15.34 19.31 3.83
CA SER D 252 -15.22 20.77 3.85
C SER D 252 -14.25 21.26 2.78
N ASP D 253 -14.29 22.59 2.55
CA ASP D 253 -13.35 23.21 1.64
C ASP D 253 -11.93 23.21 2.19
N GLU D 254 -11.74 22.86 3.47
CA GLU D 254 -10.42 22.67 4.04
C GLU D 254 -9.68 21.51 3.36
N ALA D 255 -10.38 20.69 2.59
CA ALA D 255 -9.83 19.51 1.92
C ALA D 255 -10.08 19.62 0.42
N ASN D 256 -10.00 20.85 -0.10
CA ASN D 256 -10.31 21.14 -1.50
CA ASN D 256 -10.33 21.11 -1.49
C ASN D 256 -9.44 20.38 -2.48
N TYR D 257 -8.25 19.93 -2.08
CA TYR D 257 -7.40 19.15 -2.99
C TYR D 257 -7.17 17.73 -2.50
N VAL D 258 -8.06 17.21 -1.66
CA VAL D 258 -7.94 15.86 -1.12
C VAL D 258 -8.93 14.98 -1.87
N SER D 259 -8.42 14.02 -2.63
CA SER D 259 -9.26 13.05 -3.32
C SER D 259 -8.49 11.75 -3.45
N GLY D 260 -9.21 10.63 -3.47
CA GLY D 260 -8.56 9.33 -3.48
C GLY D 260 -8.02 8.90 -2.13
N LEU D 261 -8.27 9.66 -1.06
CA LEU D 261 -7.66 9.40 0.23
C LEU D 261 -8.48 8.43 1.03
N ASN D 262 -7.79 7.46 1.64
CA ASN D 262 -8.38 6.56 2.61
C ASN D 262 -7.97 7.07 3.98
N LEU D 263 -8.84 7.86 4.61
CA LEU D 263 -8.47 8.49 5.87
C LEU D 263 -8.75 7.49 6.98
N VAL D 264 -7.72 6.79 7.41
CA VAL D 264 -7.83 5.81 8.49
C VAL D 264 -7.85 6.52 9.84
N VAL D 265 -8.78 6.07 10.70
CA VAL D 265 -8.91 6.58 12.06
C VAL D 265 -8.81 5.40 13.01
N ASP D 266 -7.58 5.04 13.40
CA ASP D 266 -7.43 3.79 14.14
C ASP D 266 -6.28 3.84 15.13
N GLY D 267 -5.80 5.04 15.48
CA GLY D 267 -4.66 5.18 16.37
C GLY D 267 -3.41 4.40 15.98
N GLY D 268 -3.29 4.03 14.70
CA GLY D 268 -2.13 3.32 14.21
C GLY D 268 -2.20 1.80 14.25
N PHE D 269 -3.35 1.24 14.64
CA PHE D 269 -3.48 -0.22 14.77
C PHE D 269 -3.11 -0.93 13.46
N SER D 270 -3.54 -0.39 12.33
CA SER D 270 -3.35 -1.10 11.08
C SER D 270 -1.95 -0.97 10.48
N VAL D 271 -1.05 -0.19 11.08
CA VAL D 271 0.30 -0.07 10.54
C VAL D 271 1.31 -0.92 11.27
N VAL D 272 0.89 -1.69 12.27
CA VAL D 272 1.81 -2.42 13.14
C VAL D 272 1.35 -3.87 13.30
N ASN D 273 2.32 -4.77 13.37
CA ASN D 273 2.14 -6.12 13.91
C ASN D 273 2.96 -6.13 15.19
N PRO D 274 2.35 -6.01 16.36
CA PRO D 274 3.12 -5.91 17.60
C PRO D 274 3.59 -7.24 18.17
N SER D 275 3.52 -8.33 17.39
CA SER D 275 3.84 -9.66 17.92
C SER D 275 5.23 -9.71 18.51
N MET D 276 6.20 -9.10 17.84
CA MET D 276 7.57 -9.10 18.34
C MET D 276 7.72 -8.20 19.55
N MET D 277 7.19 -6.97 19.48
CA MET D 277 7.24 -6.07 20.63
C MET D 277 6.68 -6.76 21.87
N MET D 278 5.58 -7.48 21.71
CA MET D 278 4.85 -8.05 22.84
C MET D 278 5.59 -9.24 23.44
N ALA D 279 6.31 -10.01 22.62
CA ALA D 279 7.08 -11.14 23.12
C ALA D 279 8.33 -10.74 23.88
N LEU D 280 8.71 -9.46 23.85
CA LEU D 280 9.89 -8.98 24.55
C LEU D 280 9.54 -8.63 26.00
#